data_7URD
#
_entry.id   7URD
#
_cell.length_a   1.00
_cell.length_b   1.00
_cell.length_c   1.00
_cell.angle_alpha   90.00
_cell.angle_beta   90.00
_cell.angle_gamma   90.00
#
_symmetry.space_group_name_H-M   'P 1'
#
loop_
_entity.id
_entity.type
_entity.pdbx_description
1 polymer 'Isoform 2 of Protein-serine O-palmitoleoyltransferase porcupine'
2 polymer 'Isoform 2 of Protein Wnt-3a peptide'
3 polymer '2C11 light chain'
4 polymer '2C11 heavy chain'
5 non-polymer "2-[(2P)-2',3-dimethyl[2,4'-bipyridin]-5-yl]-N-[(5P)-5-(pyrazin-2-yl)pyridin-2-yl]acetamide"
6 non-polymer CHOLESTEROL
7 non-polymer Digitonin
8 non-polymer 'OLEIC ACID'
9 non-polymer 'ZINC ION'
#
loop_
_entity_poly.entity_id
_entity_poly.type
_entity_poly.pdbx_seq_one_letter_code
_entity_poly.pdbx_strand_id
1 'polypeptide(L)'
;MDYKDDDDKATFSRQEFFQQLLQGCLLPTAQQGLDQIWLLLAICLACRLLWRLGLPSYLKHASTVAGGFFSLYHFFQLHM
VWVVLLSLLCYLVLFLCRHSSHRGVFLSVTILIYLLMGEMHMVDTVTWHKMRGAQMIVAMKAVSLGFDLDRGEVGTVPSP
VEFMGYLYFVGTIVFGPWISFHSYLQAVQGRPLSCRWLQKVARSLALALLCLVLSTCVGPYLFPYFIPLNGDRLLRNKKR
KARWLRAYESAVSFHFSNYFVGFLSEATATLAGAGFTEEKDHLEWDLTVSKPLNVELPRSMVEVVTSWNLPMSYWLNNYV
FKNALRLGTFSAVLVTYAASALLHGFSFHLAAVLLSLAFITYVEHVLRKRLARILSACVLSKRCPPDCSHQHRLGLGVRA
LNLLFGALAIFHLAYLGSLFDVDVDDTTEEQGYGMAYTVHKWSELSWASHWVTFGCWIFYRLIG
;
A
2 'polypeptide(L)' MHLKCKCHGLSGSCEVKTCWWS B
3 'polypeptide(L)'
;MGWSCIILFLVATARTGVHSDIHMTQSPASLSAFVGETVTITCRTSENIFSYLAWYQQKQGKSPQLLVYNAKTLTSGVPS
RFSGSGSGTQFSLKINSLQPEDFGSYYCQHHYGSPYTFGGGTKLEIKRTVAAPSVFIFPPSDEQLKSGTASVVCLLNNFY
PREAKVQWKVDNALQSGNSQESVTEQDSKDSTYSLSSTLTLSKADYEKHKVYACEVTHQGLSSPVTKSFNRGEC
;
L
4 'polypeptide(L)'
;MGWSCIILFLVATATGVHSEIQLQQSGAELVKPGASVKMSCKVSGYSFTGYNMNWVKQSHGKSLEWIGNINPYYVSTNYN
QKFTGKATFTVDRSSSTAYMQLDSLTSEDSAVYYCARSYGSSHTFAYWGQGTLVTVSSASTKGPSVFPLAPSSKSTSGGT
AALGCLVKDYFPEPVTVSWNSGALTSGVHTFPAVLQSSGLYSLSSVVTVPSSSLGTQTYICNVNHKPSNTKVDKRVEPKS
CDKTHHHHHH
;
H
#
loop_
_chem_comp.id
_chem_comp.type
_chem_comp.name
_chem_comp.formula
AJP non-polymer Digitonin 'C56 H92 O29'
CLR non-polymer CHOLESTEROL 'C27 H46 O'
O50 non-polymer 2-[(2P)-2',3-dimethyl[2,4'-bipyridin]-5-yl]-N-[(5P)-5-(pyrazin-2-yl)pyridin-2-yl]acetamide 'C23 H20 N6 O'
OLA non-polymer 'OLEIC ACID' 'C18 H34 O2'
ZN non-polymer 'ZINC ION' 'Zn 2'
#
# COMPACT_ATOMS: atom_id res chain seq x y z
N PHE A 12 9.62 -41.99 20.64
CA PHE A 12 8.80 -42.38 21.77
C PHE A 12 7.31 -42.43 21.38
N SER A 13 6.57 -43.33 22.03
CA SER A 13 5.17 -43.51 21.71
C SER A 13 4.35 -42.32 22.20
N ARG A 14 3.03 -42.39 21.96
CA ARG A 14 2.15 -41.30 22.36
C ARG A 14 2.15 -41.10 23.86
N GLN A 15 2.30 -42.17 24.63
CA GLN A 15 2.32 -42.07 26.09
C GLN A 15 3.43 -41.14 26.55
N GLU A 16 4.68 -41.47 26.21
CA GLU A 16 5.80 -40.62 26.60
C GLU A 16 5.73 -39.25 25.94
N PHE A 17 5.21 -39.20 24.70
CA PHE A 17 5.10 -37.92 24.00
C PHE A 17 4.26 -36.95 24.80
N PHE A 18 3.03 -37.33 25.15
CA PHE A 18 2.18 -36.45 25.93
C PHE A 18 2.63 -36.35 27.39
N GLN A 19 3.42 -37.31 27.87
CA GLN A 19 4.00 -37.18 29.20
C GLN A 19 5.01 -36.04 29.26
N GLN A 20 5.72 -35.82 28.15
CA GLN A 20 6.71 -34.76 28.09
C GLN A 20 6.18 -33.44 27.54
N LEU A 21 5.15 -33.49 26.67
CA LEU A 21 4.76 -32.38 25.82
C LEU A 21 4.80 -31.01 26.50
N LEU A 22 4.05 -30.85 27.59
CA LEU A 22 3.88 -29.53 28.17
C LEU A 22 5.23 -28.95 28.56
N GLN A 23 5.90 -29.56 29.55
CA GLN A 23 7.14 -28.99 30.07
C GLN A 23 8.31 -29.12 29.09
N GLY A 24 8.18 -29.93 28.04
CA GLY A 24 9.27 -30.07 27.10
C GLY A 24 9.18 -29.12 25.93
N CYS A 25 7.98 -28.76 25.50
CA CYS A 25 7.84 -27.93 24.30
C CYS A 25 6.97 -26.71 24.51
N LEU A 26 5.87 -26.83 25.25
CA LEU A 26 4.90 -25.73 25.27
C LEU A 26 5.40 -24.56 26.09
N LEU A 27 5.99 -24.83 27.24
CA LEU A 27 6.53 -23.77 28.08
C LEU A 27 7.89 -23.27 27.58
N PRO A 28 8.83 -24.15 27.19
CA PRO A 28 10.11 -23.63 26.68
C PRO A 28 9.95 -22.78 25.42
N THR A 29 9.15 -23.22 24.46
CA THR A 29 8.99 -22.45 23.23
C THR A 29 8.35 -21.10 23.50
N ALA A 30 7.33 -21.07 24.35
CA ALA A 30 6.68 -19.79 24.67
C ALA A 30 7.62 -18.87 25.43
N GLN A 31 8.39 -19.42 26.38
CA GLN A 31 9.33 -18.60 27.13
C GLN A 31 10.40 -18.02 26.23
N GLN A 32 10.90 -18.80 25.27
CA GLN A 32 11.91 -18.28 24.36
C GLN A 32 11.33 -17.26 23.40
N GLY A 33 10.13 -17.54 22.86
CA GLY A 33 9.48 -16.57 22.00
C GLY A 33 9.24 -15.24 22.69
N LEU A 34 8.93 -15.27 23.99
CA LEU A 34 8.74 -14.02 24.73
C LEU A 34 10.08 -13.35 25.04
N ASP A 35 11.09 -14.13 25.42
CA ASP A 35 12.38 -13.56 25.75
C ASP A 35 13.07 -12.95 24.54
N GLN A 36 12.68 -13.34 23.32
CA GLN A 36 13.31 -12.79 22.14
C GLN A 36 12.56 -11.61 21.53
N ILE A 37 11.36 -11.29 22.02
CA ILE A 37 10.58 -10.17 21.49
C ILE A 37 10.20 -9.16 22.56
N TRP A 38 10.50 -9.43 23.83
CA TRP A 38 10.10 -8.49 24.88
C TRP A 38 10.75 -7.13 24.70
N LEU A 39 11.99 -7.08 24.21
CA LEU A 39 12.64 -5.78 24.04
C LEU A 39 12.01 -4.99 22.90
N LEU A 40 11.69 -5.66 21.79
CA LEU A 40 11.00 -4.99 20.70
C LEU A 40 9.65 -4.47 21.15
N LEU A 41 8.93 -5.26 21.95
CA LEU A 41 7.63 -4.81 22.44
C LEU A 41 7.78 -3.61 23.37
N ALA A 42 8.80 -3.63 24.22
CA ALA A 42 9.03 -2.49 25.11
C ALA A 42 9.36 -1.24 24.32
N ILE A 43 10.14 -1.38 23.24
CA ILE A 43 10.50 -0.20 22.45
C ILE A 43 9.29 0.34 21.69
N CYS A 44 8.47 -0.54 21.12
CA CYS A 44 7.27 -0.07 20.46
C CYS A 44 6.33 0.62 21.44
N LEU A 45 6.20 0.09 22.67
CA LEU A 45 5.35 0.74 23.65
C LEU A 45 5.92 2.08 24.08
N ALA A 46 7.25 2.18 24.21
CA ALA A 46 7.86 3.46 24.53
C ALA A 46 7.60 4.48 23.44
N CYS A 47 7.68 4.06 22.18
CA CYS A 47 7.38 4.97 21.07
C CYS A 47 5.91 5.38 21.08
N ARG A 48 5.02 4.43 21.39
CA ARG A 48 3.60 4.76 21.46
C ARG A 48 3.32 5.78 22.54
N LEU A 49 3.97 5.63 23.70
CA LEU A 49 3.74 6.59 24.79
C LEU A 49 4.41 7.93 24.52
N LEU A 50 5.56 7.93 23.82
CA LEU A 50 6.25 9.18 23.53
C LEU A 50 5.54 9.97 22.43
N TRP A 51 4.88 9.29 21.50
CA TRP A 51 4.17 9.98 20.43
C TRP A 51 2.81 10.52 20.86
N ARG A 52 2.52 10.53 22.16
CA ARG A 52 1.29 11.10 22.69
C ARG A 52 1.51 12.40 23.46
N LEU A 53 2.75 12.88 23.55
CA LEU A 53 3.08 14.02 24.37
C LEU A 53 2.90 15.35 23.65
N GLY A 54 2.72 15.35 22.33
CA GLY A 54 2.61 16.58 21.59
C GLY A 54 3.97 17.17 21.25
N LEU A 55 4.86 16.33 20.73
CA LEU A 55 6.18 16.76 20.31
C LEU A 55 6.14 17.29 18.88
N PRO A 56 7.17 18.04 18.47
CA PRO A 56 7.30 18.37 17.06
C PRO A 56 7.46 17.12 16.22
N SER A 57 6.88 17.13 15.01
CA SER A 57 6.84 15.92 14.20
C SER A 57 8.24 15.43 13.86
N TYR A 58 9.18 16.35 13.60
CA TYR A 58 10.54 15.92 13.30
C TYR A 58 11.18 15.23 14.50
N LEU A 59 10.81 15.62 15.71
CA LEU A 59 11.34 14.96 16.89
C LEU A 59 10.78 13.54 17.00
N LYS A 60 9.53 13.34 16.63
CA LYS A 60 8.96 12.00 16.61
C LYS A 60 9.65 11.12 15.57
N HIS A 61 9.89 11.67 14.38
CA HIS A 61 10.58 10.90 13.36
C HIS A 61 12.01 10.56 13.78
N ALA A 62 12.69 11.48 14.44
CA ALA A 62 14.04 11.20 14.92
C ALA A 62 14.02 10.14 16.01
N SER A 63 13.03 10.19 16.91
CA SER A 63 12.94 9.19 17.96
C SER A 63 12.68 7.81 17.37
N THR A 64 11.85 7.72 16.33
CA THR A 64 11.63 6.40 15.75
C THR A 64 12.81 5.94 14.90
N VAL A 65 13.61 6.86 14.36
CA VAL A 65 14.86 6.45 13.71
C VAL A 65 15.81 5.85 14.74
N ALA A 66 15.93 6.48 15.91
CA ALA A 66 16.77 5.95 16.97
C ALA A 66 16.28 4.58 17.44
N GLY A 67 14.96 4.46 17.63
CA GLY A 67 14.39 3.18 18.03
C GLY A 67 14.60 2.11 16.99
N GLY A 68 14.52 2.48 15.71
CA GLY A 68 14.77 1.51 14.66
C GLY A 68 16.21 1.05 14.62
N PHE A 69 17.16 1.98 14.81
CA PHE A 69 18.55 1.57 14.96
C PHE A 69 18.73 0.60 16.12
N PHE A 70 18.11 0.91 17.27
CA PHE A 70 18.29 0.04 18.42
C PHE A 70 17.70 -1.35 18.18
N SER A 71 16.51 -1.41 17.58
CA SER A 71 15.90 -2.72 17.32
C SER A 71 16.69 -3.51 16.29
N LEU A 72 17.14 -2.84 15.21
CA LEU A 72 17.94 -3.53 14.20
C LEU A 72 19.23 -4.05 14.79
N TYR A 73 19.85 -3.29 15.70
CA TYR A 73 21.07 -3.76 16.35
C TYR A 73 20.77 -4.95 17.25
N HIS A 74 19.67 -4.89 18.00
CA HIS A 74 19.36 -5.97 18.94
C HIS A 74 19.09 -7.27 18.20
N PHE A 75 18.39 -7.22 17.07
CA PHE A 75 18.08 -8.45 16.35
C PHE A 75 19.22 -8.88 15.44
N PHE A 76 19.80 -7.95 14.69
CA PHE A 76 20.91 -8.21 13.79
C PHE A 76 22.10 -7.42 14.33
N GLN A 77 23.07 -8.13 14.91
CA GLN A 77 24.06 -7.50 15.77
C GLN A 77 24.77 -6.35 15.06
N LEU A 78 25.56 -6.67 14.04
CA LEU A 78 26.28 -5.65 13.30
C LEU A 78 26.05 -5.70 11.81
N HIS A 79 25.38 -6.74 11.31
CA HIS A 79 25.04 -6.80 9.89
C HIS A 79 24.01 -5.76 9.49
N MET A 80 23.37 -5.11 10.47
CA MET A 80 22.31 -4.15 10.18
C MET A 80 22.73 -3.06 9.22
N VAL A 81 24.04 -2.87 9.01
CA VAL A 81 24.49 -1.85 8.06
C VAL A 81 23.91 -2.13 6.67
N TRP A 82 23.83 -3.41 6.29
CA TRP A 82 23.29 -3.76 4.98
C TRP A 82 21.84 -3.34 4.83
N VAL A 83 21.15 -3.08 5.93
CA VAL A 83 19.85 -2.41 5.87
C VAL A 83 20.03 -0.90 5.87
N VAL A 84 20.80 -0.38 6.84
CA VAL A 84 21.00 1.06 6.97
C VAL A 84 21.43 1.65 5.63
N LEU A 85 22.53 1.12 5.08
CA LEU A 85 23.02 1.56 3.78
C LEU A 85 21.89 1.61 2.76
N LEU A 86 21.13 0.52 2.64
CA LEU A 86 20.02 0.48 1.69
C LEU A 86 19.13 1.70 1.84
N SER A 87 18.68 1.97 3.08
CA SER A 87 17.82 3.11 3.32
C SER A 87 18.45 4.38 2.77
N LEU A 88 19.71 4.64 3.14
CA LEU A 88 20.41 5.82 2.63
C LEU A 88 20.35 5.84 1.10
N LEU A 89 20.74 4.73 0.47
CA LEU A 89 20.71 4.66 -0.98
C LEU A 89 19.31 5.00 -1.50
N CYS A 90 18.28 4.42 -0.89
CA CYS A 90 16.91 4.70 -1.31
C CYS A 90 16.65 6.20 -1.29
N TYR A 91 17.00 6.87 -0.19
CA TYR A 91 16.72 8.30 -0.12
C TYR A 91 17.47 9.04 -1.21
N LEU A 92 18.70 8.62 -1.51
CA LEU A 92 19.42 9.23 -2.61
C LEU A 92 18.62 9.14 -3.90
N VAL A 93 18.14 7.93 -4.21
CA VAL A 93 17.35 7.76 -5.43
C VAL A 93 16.02 8.49 -5.32
N LEU A 94 15.56 8.79 -4.11
CA LEU A 94 14.35 9.59 -3.97
C LEU A 94 14.64 11.08 -4.06
N PHE A 95 15.87 11.50 -3.80
CA PHE A 95 16.19 12.92 -3.87
C PHE A 95 16.60 13.35 -5.28
N LEU A 96 17.28 12.47 -6.02
CA LEU A 96 17.74 12.85 -7.35
C LEU A 96 16.59 12.99 -8.33
N CYS A 97 15.55 12.18 -8.18
CA CYS A 97 14.38 12.23 -9.05
C CYS A 97 13.13 12.61 -8.28
N ARG A 98 13.26 13.57 -7.36
CA ARG A 98 12.09 14.01 -6.60
C ARG A 98 11.09 14.78 -7.46
N HIS A 99 11.50 15.24 -8.63
CA HIS A 99 10.62 15.95 -9.55
C HIS A 99 10.05 15.07 -10.64
N SER A 100 10.65 13.92 -10.91
CA SER A 100 10.22 13.09 -12.01
C SER A 100 8.93 12.35 -11.64
N SER A 101 8.18 11.97 -12.67
CA SER A 101 7.06 11.05 -12.53
C SER A 101 7.51 9.60 -12.60
N HIS A 102 8.82 9.36 -12.66
CA HIS A 102 9.39 8.03 -12.78
C HIS A 102 9.78 7.44 -11.43
N ARG A 103 9.53 8.15 -10.33
CA ARG A 103 10.04 7.79 -9.01
C ARG A 103 9.89 6.31 -8.71
N GLY A 104 8.72 5.75 -9.03
CA GLY A 104 8.53 4.33 -8.83
C GLY A 104 9.47 3.49 -9.68
N VAL A 105 9.66 3.88 -10.94
CA VAL A 105 10.53 3.12 -11.83
C VAL A 105 11.98 3.19 -11.36
N PHE A 106 12.45 4.38 -10.99
CA PHE A 106 13.82 4.53 -10.53
C PHE A 106 14.06 3.76 -9.24
N LEU A 107 13.16 3.91 -8.27
CA LEU A 107 13.33 3.21 -7.00
C LEU A 107 13.24 1.70 -7.17
N SER A 108 12.34 1.22 -8.04
CA SER A 108 12.21 -0.21 -8.23
C SER A 108 13.42 -0.79 -8.95
N VAL A 109 13.97 -0.06 -9.92
CA VAL A 109 15.16 -0.53 -10.61
C VAL A 109 16.35 -0.53 -9.67
N THR A 110 16.46 0.49 -8.81
CA THR A 110 17.53 0.50 -7.82
C THR A 110 17.41 -0.67 -6.86
N ILE A 111 16.21 -0.91 -6.34
CA ILE A 111 15.99 -2.04 -5.44
C ILE A 111 16.29 -3.36 -6.13
N LEU A 112 15.92 -3.48 -7.41
CA LEU A 112 16.15 -4.72 -8.14
C LEU A 112 17.64 -4.96 -8.32
N ILE A 113 18.39 -3.94 -8.73
CA ILE A 113 19.83 -4.10 -8.90
C ILE A 113 20.48 -4.43 -7.56
N TYR A 114 20.02 -3.79 -6.48
CA TYR A 114 20.59 -4.03 -5.16
C TYR A 114 20.36 -5.47 -4.73
N LEU A 115 19.11 -5.93 -4.79
CA LEU A 115 18.81 -7.30 -4.38
C LEU A 115 19.50 -8.33 -5.27
N LEU A 116 19.66 -8.02 -6.56
CA LEU A 116 20.34 -8.96 -7.44
C LEU A 116 21.83 -9.03 -7.13
N MET A 117 22.46 -7.89 -6.83
CA MET A 117 23.86 -7.94 -6.42
C MET A 117 24.01 -8.63 -5.08
N GLY A 118 23.01 -8.52 -4.21
CA GLY A 118 23.09 -9.21 -2.93
C GLY A 118 22.91 -10.71 -3.07
N GLU A 119 22.09 -11.15 -4.02
CA GLU A 119 21.84 -12.57 -4.22
C GLU A 119 22.80 -13.20 -5.21
N MET A 120 23.83 -12.47 -5.65
CA MET A 120 24.96 -13.05 -6.37
C MET A 120 26.21 -13.09 -5.50
N HIS A 121 26.00 -13.15 -4.18
CA HIS A 121 27.07 -13.36 -3.21
C HIS A 121 28.11 -12.25 -3.24
N MET A 122 27.69 -11.02 -3.56
CA MET A 122 28.54 -9.87 -3.25
C MET A 122 28.57 -9.61 -1.76
N VAL A 123 27.53 -10.03 -1.05
CA VAL A 123 27.47 -10.00 0.41
C VAL A 123 27.56 -11.42 0.92
N ASP A 124 28.11 -11.57 2.13
CA ASP A 124 28.27 -12.89 2.73
C ASP A 124 26.95 -13.65 2.74
N THR A 125 27.01 -14.91 2.33
CA THR A 125 25.79 -15.68 2.08
C THR A 125 25.00 -15.96 3.36
N VAL A 126 25.61 -15.82 4.53
CA VAL A 126 24.87 -15.96 5.79
C VAL A 126 24.52 -14.61 6.39
N THR A 127 25.28 -13.55 6.06
CA THR A 127 24.88 -12.21 6.48
C THR A 127 23.66 -11.73 5.68
N TRP A 128 23.62 -12.07 4.39
CA TRP A 128 22.48 -11.68 3.57
C TRP A 128 21.23 -12.45 3.95
N HIS A 129 21.36 -13.75 4.22
CA HIS A 129 20.19 -14.57 4.54
C HIS A 129 19.53 -14.16 5.84
N LYS A 130 20.27 -13.51 6.75
CA LYS A 130 19.68 -13.15 8.03
C LYS A 130 18.76 -11.94 7.92
N MET A 131 19.03 -11.04 6.98
CA MET A 131 18.31 -9.77 6.86
C MET A 131 17.46 -9.70 5.61
N ARG A 132 16.82 -10.81 5.24
CA ARG A 132 15.84 -10.74 4.16
C ARG A 132 14.56 -10.08 4.64
N GLY A 133 14.19 -10.28 5.91
CA GLY A 133 12.94 -9.74 6.41
C GLY A 133 12.96 -8.24 6.61
N ALA A 134 14.12 -7.68 6.95
CA ALA A 134 14.19 -6.23 7.12
C ALA A 134 14.40 -5.53 5.79
N GLN A 135 15.27 -6.08 4.93
CA GLN A 135 15.50 -5.50 3.62
C GLN A 135 14.26 -5.59 2.75
N MET A 136 13.50 -6.67 2.86
CA MET A 136 12.27 -6.78 2.09
C MET A 136 11.30 -5.67 2.47
N ILE A 137 11.13 -5.40 3.76
CA ILE A 137 10.20 -4.37 4.19
C ILE A 137 10.69 -2.99 3.79
N VAL A 138 12.00 -2.75 3.92
CA VAL A 138 12.54 -1.44 3.52
C VAL A 138 12.36 -1.21 2.02
N ALA A 139 12.61 -2.25 1.22
CA ALA A 139 12.43 -2.13 -0.23
C ALA A 139 10.97 -1.93 -0.59
N MET A 140 10.07 -2.68 0.04
CA MET A 140 8.64 -2.50 -0.20
C MET A 140 8.21 -1.08 0.13
N LYS A 141 8.68 -0.55 1.25
CA LYS A 141 8.30 0.81 1.65
C LYS A 141 8.85 1.85 0.68
N ALA A 142 10.09 1.69 0.24
CA ALA A 142 10.68 2.67 -0.67
C ALA A 142 9.95 2.67 -2.02
N VAL A 143 9.72 1.48 -2.58
CA VAL A 143 9.00 1.40 -3.86
C VAL A 143 7.58 1.92 -3.72
N SER A 144 6.95 1.63 -2.58
CA SER A 144 5.59 2.11 -2.35
C SER A 144 5.52 3.62 -2.31
N LEU A 145 6.45 4.27 -1.60
CA LEU A 145 6.47 5.72 -1.58
C LEU A 145 6.75 6.28 -2.96
N GLY A 146 7.68 5.67 -3.69
CA GLY A 146 7.99 6.15 -5.02
C GLY A 146 6.83 6.07 -5.98
N PHE A 147 5.98 5.04 -5.84
CA PHE A 147 4.83 4.94 -6.73
C PHE A 147 3.65 5.77 -6.26
N ASP A 148 3.48 5.90 -4.94
CA ASP A 148 2.42 6.75 -4.42
C ASP A 148 2.66 8.22 -4.75
N LEU A 149 3.91 8.63 -4.83
CA LEU A 149 4.20 10.00 -5.24
C LEU A 149 3.86 10.23 -6.71
N ASP A 150 4.08 9.21 -7.55
CA ASP A 150 3.75 9.33 -8.96
C ASP A 150 2.26 9.37 -9.19
N ARG A 151 1.52 8.43 -8.59
CA ARG A 151 0.09 8.36 -8.83
C ARG A 151 -0.68 9.49 -8.17
N GLY A 152 -0.03 10.33 -7.39
CA GLY A 152 -0.69 11.45 -6.75
C GLY A 152 -1.34 11.14 -5.42
N GLU A 153 -1.10 9.95 -4.87
CA GLU A 153 -1.70 9.57 -3.59
C GLU A 153 -0.92 10.12 -2.40
N VAL A 154 0.32 10.57 -2.61
CA VAL A 154 1.09 11.27 -1.59
C VAL A 154 1.48 12.62 -2.19
N GLY A 155 1.16 13.69 -1.48
CA GLY A 155 1.32 15.02 -2.03
C GLY A 155 2.74 15.49 -2.19
N THR A 156 3.48 15.57 -1.09
CA THR A 156 4.82 16.14 -1.08
C THR A 156 5.86 15.04 -0.93
N VAL A 157 6.97 15.18 -1.64
CA VAL A 157 8.12 14.30 -1.39
C VAL A 157 8.62 14.54 0.04
N PRO A 158 8.74 13.51 0.87
CA PRO A 158 9.05 13.73 2.29
C PRO A 158 10.43 14.32 2.50
N SER A 159 10.58 14.97 3.65
CA SER A 159 11.87 15.48 4.08
C SER A 159 12.75 14.30 4.50
N PRO A 160 14.06 14.52 4.66
CA PRO A 160 14.92 13.38 5.05
C PRO A 160 14.49 12.68 6.33
N VAL A 161 14.08 13.44 7.34
CA VAL A 161 13.74 12.83 8.62
C VAL A 161 12.42 12.07 8.51
N GLU A 162 11.48 12.54 7.69
CA GLU A 162 10.23 11.82 7.53
C GLU A 162 10.45 10.51 6.78
N PHE A 163 11.25 10.53 5.72
CA PHE A 163 11.55 9.31 4.99
C PHE A 163 12.29 8.32 5.88
N MET A 164 13.30 8.79 6.62
CA MET A 164 14.05 7.90 7.50
C MET A 164 13.16 7.31 8.58
N GLY A 165 12.39 8.15 9.27
CA GLY A 165 11.46 7.64 10.25
C GLY A 165 10.41 6.72 9.68
N TYR A 166 10.14 6.83 8.39
CA TYR A 166 9.23 5.88 7.74
C TYR A 166 9.90 4.53 7.56
N LEU A 167 11.14 4.53 7.05
CA LEU A 167 11.83 3.26 6.81
C LEU A 167 12.18 2.56 8.12
N TYR A 168 12.53 3.33 9.15
CA TYR A 168 12.89 2.77 10.45
C TYR A 168 11.75 2.86 11.45
N PHE A 169 10.51 2.76 11.00
CA PHE A 169 9.39 2.75 11.93
C PHE A 169 9.52 1.56 12.86
N VAL A 170 9.63 1.82 14.15
CA VAL A 170 9.96 0.79 15.12
C VAL A 170 8.89 -0.29 15.23
N GLY A 171 7.69 -0.04 14.73
CA GLY A 171 6.65 -1.03 14.75
C GLY A 171 6.75 -2.02 13.61
N THR A 172 7.20 -1.56 12.44
CA THR A 172 7.24 -2.43 11.27
C THR A 172 8.65 -2.51 10.69
N ILE A 173 9.66 -2.72 11.52
CA ILE A 173 11.04 -2.73 11.07
C ILE A 173 11.62 -4.14 11.00
N VAL A 174 11.32 -4.99 11.97
CA VAL A 174 11.92 -6.32 12.03
C VAL A 174 10.97 -7.36 11.46
N PHE A 175 9.82 -7.54 12.11
CA PHE A 175 8.79 -8.44 11.60
C PHE A 175 7.70 -7.73 10.84
N GLY A 176 7.46 -6.45 11.16
CA GLY A 176 6.26 -5.76 10.77
C GLY A 176 5.92 -5.82 9.31
N PRO A 177 4.64 -5.65 9.00
CA PRO A 177 4.21 -5.67 7.60
C PRO A 177 4.55 -4.36 6.93
N TRP A 178 4.31 -4.31 5.62
CA TRP A 178 4.42 -3.06 4.89
C TRP A 178 3.22 -2.19 5.21
N ILE A 179 3.45 -0.92 5.48
CA ILE A 179 2.38 0.05 5.67
C ILE A 179 2.65 1.25 4.77
N SER A 180 1.57 1.83 4.25
CA SER A 180 1.69 2.98 3.37
C SER A 180 2.34 4.15 4.12
N PHE A 181 2.84 5.11 3.35
CA PHE A 181 3.44 6.28 3.98
C PHE A 181 2.41 7.08 4.76
N HIS A 182 1.21 7.21 4.22
CA HIS A 182 0.16 7.94 4.93
C HIS A 182 -0.33 7.17 6.13
N SER A 183 -0.38 5.84 6.04
CA SER A 183 -0.74 5.02 7.19
C SER A 183 0.33 5.08 8.28
N TYR A 184 1.51 5.59 7.98
CA TYR A 184 2.54 5.84 8.99
C TYR A 184 2.49 7.27 9.50
N LEU A 185 2.18 8.24 8.63
CA LEU A 185 2.01 9.61 9.09
C LEU A 185 0.85 9.72 10.07
N GLN A 186 -0.24 9.00 9.79
CA GLN A 186 -1.36 8.97 10.73
C GLN A 186 -0.97 8.36 12.06
N ALA A 187 -0.02 7.42 12.06
CA ALA A 187 0.50 6.89 13.30
C ALA A 187 1.39 7.92 14.01
N VAL A 188 2.09 8.74 13.23
CA VAL A 188 2.93 9.78 13.82
C VAL A 188 2.09 10.82 14.54
N GLN A 189 0.99 11.27 13.91
CA GLN A 189 0.18 12.27 14.57
C GLN A 189 -0.52 11.76 15.82
N GLY A 190 -0.54 10.44 16.02
CA GLY A 190 -0.95 9.87 17.30
C GLY A 190 -2.45 9.81 17.53
N ARG A 191 -2.92 8.71 18.11
CA ARG A 191 -4.30 8.50 18.49
C ARG A 191 -4.38 8.20 19.98
N PRO A 192 -5.54 8.40 20.61
CA PRO A 192 -5.65 8.13 22.04
C PRO A 192 -5.50 6.65 22.36
N LEU A 193 -4.99 6.38 23.57
CA LEU A 193 -4.78 5.01 24.05
C LEU A 193 -6.12 4.46 24.53
N SER A 194 -6.93 4.02 23.58
CA SER A 194 -8.24 3.48 23.91
C SER A 194 -8.10 2.11 24.58
N CYS A 195 -9.23 1.49 24.88
CA CYS A 195 -9.22 0.12 25.37
C CYS A 195 -9.30 -0.89 24.24
N ARG A 196 -9.93 -0.52 23.12
CA ARG A 196 -9.90 -1.38 21.94
C ARG A 196 -8.48 -1.57 21.42
N TRP A 197 -7.64 -0.53 21.56
CA TRP A 197 -6.23 -0.66 21.20
C TRP A 197 -5.57 -1.76 22.02
N LEU A 198 -5.75 -1.72 23.34
CA LEU A 198 -5.14 -2.73 24.20
C LEU A 198 -5.71 -4.10 23.92
N GLN A 199 -7.01 -4.19 23.64
CA GLN A 199 -7.60 -5.49 23.32
C GLN A 199 -6.99 -6.05 22.04
N LYS A 200 -6.77 -5.19 21.03
CA LYS A 200 -6.16 -5.65 19.78
C LYS A 200 -4.74 -6.14 20.02
N VAL A 201 -3.95 -5.36 20.75
CA VAL A 201 -2.57 -5.77 21.04
C VAL A 201 -2.55 -7.09 21.78
N ALA A 202 -3.42 -7.24 22.79
CA ALA A 202 -3.41 -8.46 23.60
C ALA A 202 -3.84 -9.67 22.77
N ARG A 203 -4.90 -9.54 21.98
CA ARG A 203 -5.37 -10.69 21.21
C ARG A 203 -4.34 -11.06 20.14
N SER A 204 -3.66 -10.08 19.55
CA SER A 204 -2.66 -10.41 18.53
C SER A 204 -1.45 -11.08 19.16
N LEU A 205 -1.03 -10.63 20.35
CA LEU A 205 0.08 -11.29 21.02
C LEU A 205 -0.27 -12.71 21.42
N ALA A 206 -1.48 -12.90 21.97
CA ALA A 206 -1.90 -14.25 22.37
C ALA A 206 -1.98 -15.17 21.16
N LEU A 207 -2.53 -14.70 20.05
CA LEU A 207 -2.59 -15.53 18.87
C LEU A 207 -1.21 -15.79 18.28
N ALA A 208 -0.29 -14.84 18.40
CA ALA A 208 1.07 -15.07 17.94
C ALA A 208 1.74 -16.18 18.73
N LEU A 209 1.61 -16.13 20.06
CA LEU A 209 2.19 -17.20 20.89
C LEU A 209 1.51 -18.53 20.61
N LEU A 210 0.19 -18.51 20.38
CA LEU A 210 -0.52 -19.75 20.09
C LEU A 210 -0.04 -20.37 18.78
N CYS A 211 0.13 -19.56 17.73
CA CYS A 211 0.61 -20.09 16.47
C CYS A 211 2.07 -20.55 16.57
N LEU A 212 2.88 -19.87 17.38
CA LEU A 212 4.25 -20.33 17.60
C LEU A 212 4.25 -21.71 18.26
N VAL A 213 3.42 -21.88 19.29
CA VAL A 213 3.31 -23.15 19.98
C VAL A 213 2.84 -24.25 19.03
N LEU A 214 1.78 -23.99 18.26
CA LEU A 214 1.27 -24.98 17.33
C LEU A 214 2.22 -25.26 16.17
N SER A 215 3.11 -24.33 15.85
CA SER A 215 4.09 -24.58 14.79
C SER A 215 5.25 -25.43 15.30
N THR A 216 5.73 -25.17 16.51
CA THR A 216 6.88 -25.92 17.00
C THR A 216 6.48 -27.28 17.55
N CYS A 217 5.39 -27.36 18.31
CA CYS A 217 5.05 -28.55 19.07
C CYS A 217 4.00 -29.41 18.39
N VAL A 218 2.82 -28.84 18.11
CA VAL A 218 1.73 -29.65 17.59
C VAL A 218 1.91 -29.93 16.10
N GLY A 219 2.59 -29.06 15.37
CA GLY A 219 2.68 -29.16 13.93
C GLY A 219 3.24 -30.47 13.41
N PRO A 220 4.54 -30.71 13.62
CA PRO A 220 5.17 -31.88 13.01
C PRO A 220 4.72 -33.21 13.59
N TYR A 221 4.24 -33.25 14.83
CA TYR A 221 3.84 -34.48 15.49
C TYR A 221 2.32 -34.66 15.46
N LEU A 222 1.69 -34.29 14.36
CA LEU A 222 0.23 -34.29 14.28
C LEU A 222 -0.32 -35.70 14.08
N PHE A 223 0.05 -36.32 12.97
CA PHE A 223 -0.64 -37.53 12.50
C PHE A 223 -0.27 -38.81 13.26
N PRO A 224 0.96 -39.00 13.72
CA PRO A 224 1.20 -40.19 14.55
C PRO A 224 0.58 -40.09 15.93
N TYR A 225 0.66 -38.93 16.57
CA TYR A 225 0.30 -38.78 17.99
C TYR A 225 -1.08 -38.18 18.18
N PHE A 226 -1.30 -36.96 17.67
CA PHE A 226 -2.58 -36.29 17.90
C PHE A 226 -3.72 -36.98 17.15
N ILE A 227 -3.41 -37.66 16.05
CA ILE A 227 -4.39 -38.43 15.30
C ILE A 227 -3.98 -39.89 15.35
N PRO A 228 -4.91 -40.84 15.43
CA PRO A 228 -4.52 -42.25 15.38
C PRO A 228 -4.32 -42.76 13.96
N LEU A 229 -4.16 -41.83 13.01
CA LEU A 229 -4.08 -42.22 11.60
C LEU A 229 -2.83 -43.05 11.33
N ASN A 230 -1.65 -42.48 11.57
CA ASN A 230 -0.41 -43.19 11.32
C ASN A 230 0.36 -43.44 12.62
N ALA A 242 4.29 -43.39 4.45
CA ALA A 242 3.28 -42.32 4.47
C ALA A 242 3.91 -41.00 4.04
N ARG A 243 3.79 -40.67 2.76
CA ARG A 243 4.38 -39.45 2.23
C ARG A 243 3.43 -38.27 2.33
N TRP A 244 2.13 -38.49 2.10
CA TRP A 244 1.18 -37.38 2.08
C TRP A 244 0.88 -36.86 3.48
N LEU A 245 0.88 -37.74 4.49
CA LEU A 245 0.70 -37.27 5.86
C LEU A 245 1.89 -36.42 6.31
N ARG A 246 3.11 -36.85 5.99
CA ARG A 246 4.28 -36.04 6.28
C ARG A 246 4.21 -34.72 5.54
N ALA A 247 3.79 -34.75 4.27
CA ALA A 247 3.64 -33.52 3.50
C ALA A 247 2.68 -32.57 4.16
N TYR A 248 1.52 -33.08 4.62
CA TYR A 248 0.52 -32.19 5.20
C TYR A 248 0.97 -31.65 6.55
N GLU A 249 1.66 -32.46 7.36
CA GLU A 249 2.09 -31.92 8.64
C GLU A 249 3.22 -30.91 8.48
N SER A 250 4.11 -31.13 7.50
CA SER A 250 5.09 -30.09 7.19
C SER A 250 4.41 -28.83 6.69
N ALA A 251 3.36 -28.98 5.88
CA ALA A 251 2.63 -27.83 5.38
C ALA A 251 2.00 -27.03 6.51
N VAL A 252 1.35 -27.72 7.46
CA VAL A 252 0.68 -26.99 8.52
C VAL A 252 1.68 -26.40 9.50
N SER A 253 2.82 -27.05 9.71
CA SER A 253 3.86 -26.45 10.54
C SER A 253 4.40 -25.18 9.89
N PHE A 254 4.58 -25.19 8.57
CA PHE A 254 5.00 -23.99 7.86
C PHE A 254 3.94 -22.90 7.94
N HIS A 255 2.67 -23.27 7.75
CA HIS A 255 1.60 -22.29 7.80
C HIS A 255 1.52 -21.62 9.17
N PHE A 256 1.67 -22.39 10.23
CA PHE A 256 1.58 -21.80 11.56
C PHE A 256 2.84 -21.02 11.93
N SER A 257 4.01 -21.45 11.44
CA SER A 257 5.20 -20.62 11.59
C SER A 257 5.04 -19.28 10.90
N ASN A 258 4.27 -19.25 9.81
CA ASN A 258 3.99 -17.99 9.14
C ASN A 258 2.98 -17.16 9.91
N TYR A 259 1.92 -17.80 10.41
CA TYR A 259 0.92 -17.08 11.18
C TYR A 259 1.50 -16.49 12.45
N PHE A 260 2.50 -17.14 13.04
CA PHE A 260 3.18 -16.55 14.19
C PHE A 260 3.73 -15.18 13.83
N VAL A 261 4.52 -15.09 12.76
CA VAL A 261 5.11 -13.83 12.36
C VAL A 261 4.03 -12.85 11.94
N GLY A 262 2.97 -13.33 11.30
CA GLY A 262 1.89 -12.45 10.91
C GLY A 262 1.23 -11.77 12.10
N PHE A 263 0.79 -12.57 13.08
CA PHE A 263 0.15 -12.02 14.27
C PHE A 263 1.13 -11.19 15.10
N LEU A 264 2.41 -11.56 15.12
CA LEU A 264 3.38 -10.78 15.89
C LEU A 264 3.63 -9.43 15.23
N SER A 265 3.71 -9.39 13.90
CA SER A 265 3.86 -8.12 13.20
C SER A 265 2.62 -7.26 13.38
N GLU A 266 1.45 -7.87 13.34
CA GLU A 266 0.21 -7.15 13.61
C GLU A 266 0.22 -6.56 15.02
N ALA A 267 0.67 -7.33 16.02
CA ALA A 267 0.69 -6.85 17.38
C ALA A 267 1.72 -5.74 17.58
N THR A 268 2.88 -5.88 16.97
CA THR A 268 3.94 -4.88 17.15
C THR A 268 3.73 -3.65 16.29
N ALA A 269 2.86 -3.71 15.28
CA ALA A 269 2.49 -2.51 14.55
C ALA A 269 1.30 -1.80 15.19
N THR A 270 0.37 -2.54 15.78
CA THR A 270 -0.73 -1.91 16.52
C THR A 270 -0.28 -1.41 17.88
N LEU A 271 0.83 -1.93 18.41
CA LEU A 271 1.35 -1.42 19.68
C LEU A 271 2.00 -0.06 19.51
N ALA A 272 2.69 0.15 18.39
CA ALA A 272 3.40 1.40 18.16
C ALA A 272 2.49 2.53 17.71
N GLY A 273 1.22 2.24 17.40
CA GLY A 273 0.25 3.26 17.03
C GLY A 273 -0.33 3.09 15.65
N ALA A 274 0.36 2.42 14.73
CA ALA A 274 -0.09 2.29 13.36
C ALA A 274 -1.16 1.23 13.27
N GLY A 275 -1.56 0.90 12.04
CA GLY A 275 -2.52 -0.15 11.81
C GLY A 275 -3.92 0.16 12.32
N PHE A 276 -4.57 1.15 11.73
CA PHE A 276 -5.94 1.47 12.06
C PHE A 276 -6.57 2.22 10.89
N THR A 277 -7.89 2.17 10.83
CA THR A 277 -8.65 2.92 9.84
C THR A 277 -9.81 3.61 10.55
N GLU A 278 -10.07 4.86 10.16
CA GLU A 278 -11.14 5.64 10.76
C GLU A 278 -11.97 6.29 9.66
N GLU A 279 -13.28 6.27 9.84
CA GLU A 279 -14.20 6.84 8.85
C GLU A 279 -15.41 7.39 9.60
N LYS A 280 -15.59 8.71 9.54
CA LYS A 280 -16.73 9.40 10.15
C LYS A 280 -16.80 9.16 11.65
N ASP A 281 -15.75 9.63 12.34
CA ASP A 281 -15.70 9.64 13.80
C ASP A 281 -15.83 8.24 14.39
N HIS A 282 -15.20 7.27 13.75
CA HIS A 282 -15.16 5.89 14.24
C HIS A 282 -13.78 5.32 13.94
N LEU A 283 -13.00 5.08 14.99
CA LEU A 283 -11.64 4.59 14.85
C LEU A 283 -11.61 3.11 15.20
N GLU A 284 -11.15 2.28 14.26
CA GLU A 284 -11.10 0.84 14.43
C GLU A 284 -9.69 0.35 14.15
N TRP A 285 -9.16 -0.46 15.06
CA TRP A 285 -7.85 -1.08 14.89
C TRP A 285 -8.05 -2.39 14.15
N ASP A 286 -7.93 -2.34 12.82
CA ASP A 286 -8.28 -3.46 11.95
C ASP A 286 -7.14 -3.79 11.00
N LEU A 287 -5.93 -3.92 11.55
CA LEU A 287 -4.78 -4.36 10.77
C LEU A 287 -4.77 -5.88 10.79
N THR A 288 -5.02 -6.50 9.64
CA THR A 288 -4.96 -7.95 9.50
C THR A 288 -3.86 -8.30 8.51
N VAL A 289 -2.85 -9.03 8.98
CA VAL A 289 -1.75 -9.45 8.12
C VAL A 289 -2.03 -10.82 7.50
N SER A 290 -2.50 -11.77 8.31
CA SER A 290 -2.82 -13.10 7.82
C SER A 290 -4.22 -13.48 8.28
N LYS A 291 -4.88 -14.33 7.48
CA LYS A 291 -6.19 -14.89 7.82
C LYS A 291 -6.05 -16.40 7.84
N PRO A 292 -5.81 -17.00 9.00
CA PRO A 292 -5.52 -18.44 9.03
C PRO A 292 -6.67 -19.31 8.58
N LEU A 293 -7.91 -18.88 8.79
CA LEU A 293 -9.05 -19.74 8.44
C LEU A 293 -9.28 -19.78 6.93
N ASN A 294 -8.72 -18.83 6.18
CA ASN A 294 -8.83 -18.85 4.73
C ASN A 294 -7.74 -19.68 4.07
N VAL A 295 -6.74 -20.12 4.83
CA VAL A 295 -5.70 -20.99 4.31
C VAL A 295 -5.78 -22.40 4.89
N GLU A 296 -6.34 -22.57 6.09
CA GLU A 296 -6.50 -23.91 6.63
C GLU A 296 -7.76 -24.58 6.12
N LEU A 297 -8.84 -23.81 5.94
CA LEU A 297 -10.08 -24.29 5.33
C LEU A 297 -10.31 -23.50 4.05
N PRO A 298 -9.53 -23.75 3.02
CA PRO A 298 -9.51 -22.86 1.86
C PRO A 298 -10.67 -23.09 0.92
N ARG A 299 -11.04 -22.02 0.20
CA ARG A 299 -12.02 -22.11 -0.86
C ARG A 299 -11.37 -22.34 -2.21
N SER A 300 -10.21 -21.72 -2.44
CA SER A 300 -9.45 -21.90 -3.66
C SER A 300 -8.04 -21.38 -3.41
N MET A 301 -7.16 -21.64 -4.37
CA MET A 301 -5.77 -21.23 -4.20
C MET A 301 -5.58 -19.74 -4.38
N VAL A 302 -6.49 -19.06 -5.08
CA VAL A 302 -6.45 -17.60 -5.17
C VAL A 302 -6.64 -17.00 -3.78
N GLU A 303 -7.64 -17.50 -3.05
CA GLU A 303 -7.87 -17.02 -1.70
C GLU A 303 -6.71 -17.38 -0.78
N VAL A 304 -6.09 -18.54 -0.99
CA VAL A 304 -4.92 -18.91 -0.19
C VAL A 304 -3.79 -17.93 -0.41
N VAL A 305 -3.50 -17.61 -1.67
CA VAL A 305 -2.40 -16.71 -1.98
C VAL A 305 -2.68 -15.31 -1.46
N THR A 306 -3.93 -14.84 -1.56
CA THR A 306 -4.23 -13.48 -1.14
C THR A 306 -4.49 -13.36 0.36
N SER A 307 -4.68 -14.46 1.08
CA SER A 307 -4.86 -14.43 2.52
C SER A 307 -3.65 -14.92 3.29
N TRP A 308 -2.64 -15.45 2.61
CA TRP A 308 -1.38 -15.79 3.26
C TRP A 308 -0.75 -14.55 3.88
N ASN A 309 -0.61 -13.49 3.10
CA ASN A 309 -0.13 -12.19 3.58
C ASN A 309 -0.95 -11.13 2.85
N LEU A 310 -1.76 -10.39 3.60
CA LEU A 310 -2.65 -9.42 2.98
C LEU A 310 -1.91 -8.13 2.60
N PRO A 311 -1.05 -7.56 3.45
CA PRO A 311 -0.25 -6.41 2.99
C PRO A 311 0.62 -6.73 1.79
N MET A 312 1.26 -7.90 1.77
CA MET A 312 2.10 -8.24 0.63
C MET A 312 1.26 -8.50 -0.62
N SER A 313 0.07 -9.07 -0.46
CA SER A 313 -0.79 -9.27 -1.63
C SER A 313 -1.23 -7.93 -2.19
N TYR A 314 -1.60 -6.98 -1.33
CA TYR A 314 -1.96 -5.65 -1.81
C TYR A 314 -0.78 -4.98 -2.50
N TRP A 315 0.41 -5.06 -1.90
CA TRP A 315 1.60 -4.45 -2.48
C TRP A 315 1.89 -5.04 -3.86
N LEU A 316 1.90 -6.37 -3.96
CA LEU A 316 2.23 -7.01 -5.23
C LEU A 316 1.17 -6.77 -6.29
N ASN A 317 -0.10 -6.65 -5.89
CA ASN A 317 -1.14 -6.39 -6.86
C ASN A 317 -1.13 -4.93 -7.32
N ASN A 318 -0.74 -4.01 -6.44
CA ASN A 318 -0.85 -2.58 -6.74
C ASN A 318 0.40 -2.02 -7.40
N TYR A 319 1.58 -2.54 -7.09
CA TYR A 319 2.82 -1.97 -7.57
C TYR A 319 3.56 -2.83 -8.58
N VAL A 320 3.22 -4.11 -8.71
CA VAL A 320 3.86 -4.99 -9.68
C VAL A 320 2.87 -5.48 -10.73
N PHE A 321 1.64 -5.79 -10.33
CA PHE A 321 0.65 -6.29 -11.29
C PHE A 321 0.02 -5.15 -12.08
N LYS A 322 -0.43 -4.11 -11.40
CA LYS A 322 -1.08 -2.98 -12.08
C LYS A 322 -0.13 -2.24 -13.01
N ASN A 323 1.16 -2.48 -12.92
CA ASN A 323 2.14 -1.89 -13.84
C ASN A 323 2.54 -2.85 -14.96
N ALA A 324 2.81 -4.10 -14.63
CA ALA A 324 3.16 -5.10 -15.63
C ALA A 324 1.95 -5.64 -16.37
N LEU A 325 0.75 -5.11 -16.10
CA LEU A 325 -0.46 -5.57 -16.76
C LEU A 325 -0.47 -5.29 -18.26
N ARG A 326 0.42 -4.45 -18.75
CA ARG A 326 0.48 -4.17 -20.18
C ARG A 326 0.91 -5.41 -20.97
N LEU A 327 1.67 -6.30 -20.35
CA LEU A 327 2.20 -7.49 -21.00
C LEU A 327 1.17 -8.61 -21.10
N GLY A 328 -0.10 -8.34 -20.84
CA GLY A 328 -1.09 -9.39 -20.78
C GLY A 328 -1.27 -9.90 -19.35
N THR A 329 -2.43 -10.51 -19.11
CA THR A 329 -2.78 -10.91 -17.75
C THR A 329 -1.89 -12.03 -17.25
N PHE A 330 -1.58 -13.02 -18.09
CA PHE A 330 -0.78 -14.15 -17.62
C PHE A 330 0.69 -13.74 -17.43
N SER A 331 1.25 -13.00 -18.38
CA SER A 331 2.62 -12.52 -18.20
C SER A 331 2.71 -11.59 -17.00
N ALA A 332 1.64 -10.84 -16.71
CA ALA A 332 1.65 -9.98 -15.52
C ALA A 332 1.61 -10.80 -14.24
N VAL A 333 0.85 -11.90 -14.24
CA VAL A 333 0.85 -12.80 -13.09
C VAL A 333 2.23 -13.41 -12.89
N LEU A 334 2.89 -13.79 -13.98
CA LEU A 334 4.24 -14.36 -13.86
C LEU A 334 5.23 -13.32 -13.35
N VAL A 335 5.13 -12.08 -13.84
CA VAL A 335 6.02 -11.03 -13.35
C VAL A 335 5.77 -10.74 -11.88
N THR A 336 4.51 -10.79 -11.46
CA THR A 336 4.18 -10.57 -10.05
C THR A 336 4.76 -11.67 -9.17
N TYR A 337 4.63 -12.93 -9.59
CA TYR A 337 5.19 -14.01 -8.78
C TYR A 337 6.71 -14.02 -8.82
N ALA A 338 7.32 -13.53 -9.91
CA ALA A 338 8.77 -13.39 -9.93
C ALA A 338 9.23 -12.30 -8.98
N ALA A 339 8.50 -11.19 -8.92
CA ALA A 339 8.81 -10.15 -7.95
C ALA A 339 8.64 -10.67 -6.53
N SER A 340 7.61 -11.49 -6.30
CA SER A 340 7.41 -12.07 -4.98
C SER A 340 8.54 -13.02 -4.62
N ALA A 341 9.02 -13.81 -5.58
CA ALA A 341 10.13 -14.71 -5.31
C ALA A 341 11.44 -13.96 -5.08
N LEU A 342 11.60 -12.80 -5.72
CA LEU A 342 12.81 -12.01 -5.51
C LEU A 342 12.78 -11.31 -4.16
N LEU A 343 11.61 -10.77 -3.77
CA LEU A 343 11.50 -10.13 -2.47
C LEU A 343 11.81 -11.13 -1.35
N HIS A 344 11.17 -12.29 -1.38
CA HIS A 344 11.35 -13.31 -0.36
C HIS A 344 12.73 -13.94 -0.36
N GLY A 345 13.63 -13.51 -1.24
CA GLY A 345 14.93 -14.16 -1.33
C GLY A 345 14.88 -15.36 -2.26
N PHE A 346 15.76 -15.40 -3.25
CA PHE A 346 15.73 -16.45 -4.25
C PHE A 346 16.33 -17.72 -3.67
N SER A 347 15.47 -18.65 -3.27
CA SER A 347 15.83 -20.03 -3.02
C SER A 347 15.14 -20.90 -4.06
N PHE A 348 15.68 -22.09 -4.31
CA PHE A 348 15.11 -22.90 -5.37
C PHE A 348 13.77 -23.49 -4.96
N HIS A 349 13.61 -23.87 -3.69
CA HIS A 349 12.32 -24.41 -3.27
C HIS A 349 11.25 -23.33 -3.26
N LEU A 350 11.60 -22.12 -2.81
CA LEU A 350 10.62 -21.04 -2.81
C LEU A 350 10.34 -20.56 -4.22
N ALA A 351 11.35 -20.52 -5.08
CA ALA A 351 11.11 -20.15 -6.48
C ALA A 351 10.23 -21.18 -7.17
N ALA A 352 10.44 -22.47 -6.88
CA ALA A 352 9.60 -23.49 -7.47
C ALA A 352 8.18 -23.42 -6.94
N VAL A 353 8.01 -23.15 -5.65
CA VAL A 353 6.68 -23.01 -5.08
C VAL A 353 5.95 -21.83 -5.71
N LEU A 354 6.63 -20.69 -5.83
CA LEU A 354 5.98 -19.50 -6.37
C LEU A 354 5.84 -19.53 -7.88
N LEU A 355 6.56 -20.42 -8.57
CA LEU A 355 6.30 -20.61 -9.99
C LEU A 355 5.16 -21.59 -10.22
N SER A 356 5.04 -22.60 -9.36
CA SER A 356 3.89 -23.49 -9.44
C SER A 356 2.61 -22.78 -9.02
N LEU A 357 2.70 -21.84 -8.08
CA LEU A 357 1.52 -21.12 -7.62
C LEU A 357 0.94 -20.24 -8.73
N ALA A 358 1.78 -19.68 -9.58
CA ALA A 358 1.28 -18.88 -10.70
C ALA A 358 0.36 -19.70 -11.58
N PHE A 359 0.84 -20.84 -12.06
CA PHE A 359 0.03 -21.71 -12.91
C PHE A 359 -1.17 -22.26 -12.17
N ILE A 360 -1.00 -22.66 -10.91
CA ILE A 360 -2.10 -23.20 -10.13
C ILE A 360 -3.23 -22.19 -10.02
N THR A 361 -2.91 -20.99 -9.51
CA THR A 361 -3.95 -19.99 -9.31
C THR A 361 -4.56 -19.54 -10.62
N TYR A 362 -3.76 -19.36 -11.66
CA TYR A 362 -4.33 -18.92 -12.94
C TYR A 362 -5.27 -19.96 -13.52
N VAL A 363 -4.84 -21.22 -13.58
CA VAL A 363 -5.68 -22.26 -14.17
C VAL A 363 -6.94 -22.45 -13.33
N GLU A 364 -6.81 -22.48 -12.00
CA GLU A 364 -7.99 -22.65 -11.16
C GLU A 364 -8.96 -21.49 -11.34
N HIS A 365 -8.44 -20.26 -11.35
CA HIS A 365 -9.30 -19.10 -11.49
C HIS A 365 -10.05 -19.13 -12.81
N VAL A 366 -9.34 -19.37 -13.92
CA VAL A 366 -9.99 -19.30 -15.22
C VAL A 366 -10.93 -20.49 -15.43
N LEU A 367 -10.60 -21.65 -14.85
CA LEU A 367 -11.50 -22.80 -14.98
C LEU A 367 -12.78 -22.59 -14.18
N ARG A 368 -12.65 -22.11 -12.94
CA ARG A 368 -13.84 -21.79 -12.16
C ARG A 368 -14.66 -20.69 -12.82
N LYS A 369 -14.00 -19.74 -13.49
CA LYS A 369 -14.69 -18.71 -14.24
C LYS A 369 -15.56 -19.32 -15.33
N ARG A 370 -14.95 -20.15 -16.19
CA ARG A 370 -15.70 -20.77 -17.27
C ARG A 370 -16.80 -21.68 -16.74
N LEU A 371 -16.56 -22.36 -15.61
CA LEU A 371 -17.57 -23.23 -15.05
C LEU A 371 -18.76 -22.44 -14.54
N ALA A 372 -18.51 -21.37 -13.76
CA ALA A 372 -19.59 -20.53 -13.28
C ALA A 372 -20.32 -19.83 -14.41
N ARG A 373 -19.65 -19.61 -15.55
CA ARG A 373 -20.35 -19.07 -16.71
C ARG A 373 -21.21 -20.13 -17.40
N ILE A 374 -20.74 -21.37 -17.44
CA ILE A 374 -21.50 -22.43 -18.11
C ILE A 374 -22.68 -22.87 -17.26
N LEU A 375 -22.41 -23.38 -16.06
CA LEU A 375 -23.46 -23.91 -15.21
C LEU A 375 -24.31 -22.82 -14.55
N SER A 376 -23.93 -21.55 -14.69
CA SER A 376 -24.63 -20.44 -14.05
C SER A 376 -24.72 -20.62 -12.55
N ALA A 377 -23.71 -21.25 -11.96
CA ALA A 377 -23.70 -21.46 -10.53
C ALA A 377 -22.66 -20.55 -9.92
N CYS A 378 -22.80 -20.23 -8.64
CA CYS A 378 -21.81 -19.37 -8.01
C CYS A 378 -20.64 -20.17 -7.47
N VAL A 379 -19.81 -20.69 -8.37
CA VAL A 379 -18.64 -21.46 -8.02
C VAL A 379 -17.34 -20.71 -8.27
N LEU A 380 -17.42 -19.40 -8.47
CA LEU A 380 -16.25 -18.57 -8.73
C LEU A 380 -15.20 -18.66 -7.63
N SER A 381 -13.93 -18.51 -8.00
CA SER A 381 -12.83 -18.69 -7.06
C SER A 381 -12.94 -17.76 -5.85
N LYS A 382 -13.85 -16.79 -5.86
CA LYS A 382 -14.13 -15.97 -4.70
C LYS A 382 -15.64 -15.86 -4.54
N ARG A 383 -16.07 -15.59 -3.32
CA ARG A 383 -17.50 -15.53 -3.03
C ARG A 383 -18.15 -14.41 -3.83
N CYS A 384 -19.25 -14.75 -4.51
CA CYS A 384 -19.97 -13.78 -5.30
C CYS A 384 -20.72 -12.78 -4.46
N PRO A 385 -20.84 -11.55 -4.96
CA PRO A 385 -21.58 -10.48 -4.28
C PRO A 385 -23.07 -10.76 -4.39
N PRO A 386 -23.87 -10.21 -3.47
CA PRO A 386 -25.32 -10.42 -3.38
C PRO A 386 -26.18 -10.18 -4.65
N ASP A 387 -25.71 -9.35 -5.57
CA ASP A 387 -26.46 -9.08 -6.79
C ASP A 387 -25.76 -9.71 -7.99
N CYS A 388 -25.91 -11.02 -8.16
CA CYS A 388 -25.26 -11.69 -9.28
C CYS A 388 -26.18 -12.57 -10.14
N SER A 389 -25.86 -12.63 -11.42
CA SER A 389 -26.64 -13.38 -12.40
C SER A 389 -26.81 -14.88 -12.16
N HIS A 390 -25.89 -15.51 -11.44
CA HIS A 390 -26.01 -16.96 -11.23
C HIS A 390 -27.34 -17.46 -10.68
N GLN A 391 -27.86 -18.52 -11.28
CA GLN A 391 -29.16 -19.06 -10.88
C GLN A 391 -29.03 -19.96 -9.65
N HIS A 392 -28.23 -21.01 -9.74
CA HIS A 392 -28.02 -21.93 -8.62
C HIS A 392 -26.94 -21.33 -7.72
N ARG A 393 -27.35 -20.72 -6.62
CA ARG A 393 -26.43 -20.07 -5.70
C ARG A 393 -26.19 -20.89 -4.43
N LEU A 394 -27.26 -21.35 -3.77
CA LEU A 394 -27.13 -22.07 -2.52
C LEU A 394 -27.53 -23.53 -2.63
N GLY A 395 -27.58 -24.07 -3.85
CA GLY A 395 -27.88 -25.47 -4.03
C GLY A 395 -26.78 -26.36 -3.48
N LEU A 396 -27.10 -27.65 -3.36
CA LEU A 396 -26.13 -28.60 -2.83
C LEU A 396 -25.14 -29.08 -3.88
N GLY A 397 -25.48 -28.98 -5.16
CA GLY A 397 -24.49 -29.23 -6.19
C GLY A 397 -23.41 -28.17 -6.21
N VAL A 398 -23.79 -26.91 -6.02
CA VAL A 398 -22.81 -25.84 -5.89
C VAL A 398 -21.93 -26.07 -4.68
N ARG A 399 -22.53 -26.48 -3.56
CA ARG A 399 -21.74 -26.77 -2.37
C ARG A 399 -20.79 -27.93 -2.60
N ALA A 400 -21.23 -28.96 -3.33
CA ALA A 400 -20.37 -30.10 -3.61
C ALA A 400 -19.19 -29.68 -4.48
N LEU A 401 -19.44 -28.85 -5.49
CA LEU A 401 -18.34 -28.38 -6.34
C LEU A 401 -17.36 -27.50 -5.55
N ASN A 402 -17.89 -26.60 -4.72
CA ASN A 402 -17.02 -25.75 -3.93
C ASN A 402 -16.19 -26.55 -2.95
N LEU A 403 -16.78 -27.62 -2.39
CA LEU A 403 -16.03 -28.44 -1.45
C LEU A 403 -15.00 -29.31 -2.17
N LEU A 404 -15.30 -29.76 -3.39
CA LEU A 404 -14.30 -30.45 -4.18
C LEU A 404 -13.11 -29.54 -4.47
N PHE A 405 -13.39 -28.28 -4.81
CA PHE A 405 -12.29 -27.36 -5.08
C PHE A 405 -11.53 -26.99 -3.81
N GLY A 406 -12.21 -26.94 -2.66
CA GLY A 406 -11.49 -26.76 -1.41
C GLY A 406 -10.59 -27.93 -1.09
N ALA A 407 -11.04 -29.16 -1.38
CA ALA A 407 -10.19 -30.32 -1.21
C ALA A 407 -8.99 -30.28 -2.14
N LEU A 408 -9.20 -29.84 -3.38
CA LEU A 408 -8.08 -29.67 -4.30
C LEU A 408 -7.10 -28.62 -3.78
N ALA A 409 -7.62 -27.56 -3.16
CA ALA A 409 -6.75 -26.54 -2.59
C ALA A 409 -5.93 -27.09 -1.44
N ILE A 410 -6.54 -27.90 -0.58
CA ILE A 410 -5.80 -28.51 0.53
C ILE A 410 -4.73 -29.47 -0.01
N PHE A 411 -5.06 -30.21 -1.07
CA PHE A 411 -4.10 -31.11 -1.69
C PHE A 411 -2.92 -30.34 -2.28
N HIS A 412 -3.21 -29.24 -2.98
CA HIS A 412 -2.14 -28.38 -3.49
C HIS A 412 -1.30 -27.82 -2.35
N LEU A 413 -1.94 -27.43 -1.25
CA LEU A 413 -1.20 -26.85 -0.13
C LEU A 413 -0.25 -27.86 0.48
N ALA A 414 -0.70 -29.10 0.66
CA ALA A 414 0.18 -30.15 1.17
C ALA A 414 1.34 -30.40 0.22
N TYR A 415 1.03 -30.55 -1.08
CA TYR A 415 2.07 -30.83 -2.07
C TYR A 415 3.11 -29.72 -2.13
N LEU A 416 2.68 -28.46 -1.94
CA LEU A 416 3.62 -27.35 -2.04
C LEU A 416 4.38 -27.14 -0.75
N GLY A 417 3.74 -27.36 0.41
CA GLY A 417 4.42 -27.20 1.67
C GLY A 417 5.28 -28.37 2.09
N SER A 418 5.23 -29.48 1.37
CA SER A 418 6.15 -30.57 1.65
C SER A 418 7.61 -30.18 1.46
N LEU A 419 7.89 -29.02 0.85
CA LEU A 419 9.27 -28.59 0.64
C LEU A 419 9.94 -28.08 1.91
N PHE A 420 9.15 -27.73 2.92
CA PHE A 420 9.66 -27.03 4.09
C PHE A 420 9.79 -27.95 5.30
N ASP A 421 10.22 -29.18 5.08
CA ASP A 421 10.48 -30.11 6.17
C ASP A 421 11.60 -29.59 7.07
N VAL A 422 11.39 -29.69 8.37
CA VAL A 422 12.39 -29.27 9.34
C VAL A 422 12.56 -30.36 10.40
N TYR A 433 19.59 -26.17 -0.04
CA TYR A 433 18.68 -27.15 -0.62
C TYR A 433 18.19 -26.69 -1.98
N GLY A 434 18.90 -27.10 -3.03
CA GLY A 434 18.62 -26.63 -4.37
C GLY A 434 17.70 -27.53 -5.17
N MET A 435 18.06 -27.74 -6.45
CA MET A 435 17.16 -28.46 -7.35
C MET A 435 16.97 -29.90 -6.91
N ALA A 436 18.02 -30.53 -6.40
CA ALA A 436 17.94 -31.95 -6.04
C ALA A 436 16.93 -32.19 -4.92
N TYR A 437 16.95 -31.33 -3.89
CA TYR A 437 16.04 -31.53 -2.78
C TYR A 437 14.58 -31.38 -3.21
N THR A 438 14.29 -30.37 -4.03
CA THR A 438 12.91 -30.16 -4.44
C THR A 438 12.44 -31.25 -5.39
N VAL A 439 13.28 -31.66 -6.34
CA VAL A 439 12.87 -32.72 -7.24
C VAL A 439 12.71 -34.03 -6.47
N HIS A 440 13.48 -34.22 -5.40
CA HIS A 440 13.33 -35.41 -4.57
C HIS A 440 12.03 -35.37 -3.79
N LYS A 441 11.73 -34.23 -3.16
CA LYS A 441 10.52 -34.12 -2.37
C LYS A 441 9.26 -34.22 -3.22
N TRP A 442 9.30 -33.68 -4.44
CA TRP A 442 8.14 -33.73 -5.32
C TRP A 442 8.05 -35.02 -6.12
N SER A 443 9.16 -35.74 -6.27
CA SER A 443 9.12 -37.03 -6.96
C SER A 443 8.50 -38.12 -6.11
N GLU A 444 8.56 -37.99 -4.77
CA GLU A 444 7.86 -38.94 -3.91
C GLU A 444 6.36 -38.83 -4.06
N LEU A 445 5.86 -37.64 -4.37
CA LEU A 445 4.44 -37.38 -4.53
C LEU A 445 3.98 -37.55 -5.97
N SER A 446 4.82 -38.14 -6.83
CA SER A 446 4.48 -38.45 -8.22
C SER A 446 4.16 -37.20 -9.03
N TRP A 447 4.61 -36.02 -8.58
CA TRP A 447 4.28 -34.75 -9.21
C TRP A 447 2.77 -34.61 -9.35
N ALA A 448 2.06 -34.89 -8.25
CA ALA A 448 0.61 -35.00 -8.32
C ALA A 448 -0.04 -33.67 -8.64
N SER A 449 0.42 -32.58 -8.03
CA SER A 449 -0.21 -31.28 -8.27
C SER A 449 0.07 -30.78 -9.69
N HIS A 450 1.27 -31.05 -10.21
CA HIS A 450 1.61 -30.57 -11.55
C HIS A 450 0.90 -31.38 -12.63
N TRP A 451 0.36 -32.54 -12.30
CA TRP A 451 -0.56 -33.23 -13.20
C TRP A 451 -2.00 -32.82 -12.96
N VAL A 452 -2.34 -32.47 -11.72
CA VAL A 452 -3.71 -32.04 -11.42
C VAL A 452 -4.03 -30.72 -12.12
N THR A 453 -3.10 -29.76 -12.08
CA THR A 453 -3.36 -28.50 -12.76
C THR A 453 -3.31 -28.67 -14.27
N PHE A 454 -2.47 -29.57 -14.78
CA PHE A 454 -2.48 -29.83 -16.22
C PHE A 454 -3.82 -30.44 -16.65
N GLY A 455 -4.35 -31.35 -15.85
CA GLY A 455 -5.67 -31.89 -16.15
C GLY A 455 -6.76 -30.84 -16.05
N CYS A 456 -6.67 -29.96 -15.05
CA CYS A 456 -7.62 -28.86 -14.95
C CYS A 456 -7.55 -27.95 -16.16
N TRP A 457 -6.35 -27.72 -16.69
CA TRP A 457 -6.20 -26.83 -17.84
C TRP A 457 -6.73 -27.49 -19.11
N ILE A 458 -6.45 -28.78 -19.32
CA ILE A 458 -7.00 -29.43 -20.51
C ILE A 458 -8.51 -29.55 -20.40
N PHE A 459 -9.04 -29.70 -19.18
CA PHE A 459 -10.49 -29.69 -19.00
C PHE A 459 -11.06 -28.31 -19.29
N TYR A 460 -10.33 -27.25 -18.90
CA TYR A 460 -10.73 -25.89 -19.25
C TYR A 460 -10.77 -25.70 -20.76
N ARG A 461 -9.80 -26.26 -21.47
CA ARG A 461 -9.73 -26.04 -22.91
C ARG A 461 -10.70 -26.92 -23.68
N LEU A 462 -11.10 -28.06 -23.10
CA LEU A 462 -12.09 -28.90 -23.76
C LEU A 462 -13.48 -28.26 -23.71
N ILE A 463 -13.84 -27.66 -22.58
CA ILE A 463 -15.17 -27.08 -22.41
C ILE A 463 -15.16 -25.65 -22.93
N GLY A 464 -14.07 -25.26 -23.58
CA GLY A 464 -13.94 -23.92 -24.14
C GLY A 464 -14.83 -23.70 -25.34
N HIS B 2 19.85 -34.04 22.60
CA HIS B 2 19.06 -34.22 21.38
C HIS B 2 18.01 -33.12 21.24
N LEU B 3 18.46 -31.87 21.15
CA LEU B 3 17.58 -30.73 20.99
C LEU B 3 17.55 -30.28 19.54
N LYS B 4 16.37 -29.90 19.06
CA LYS B 4 16.17 -29.38 17.72
C LYS B 4 15.68 -27.94 17.83
N CYS B 5 16.19 -27.09 16.96
CA CYS B 5 15.86 -25.67 16.92
C CYS B 5 15.09 -25.34 15.66
N LYS B 6 14.05 -24.53 15.79
CA LYS B 6 13.28 -24.03 14.66
C LYS B 6 13.47 -22.53 14.56
N CYS B 7 13.44 -22.03 13.32
CA CYS B 7 13.60 -20.61 13.02
C CYS B 7 12.28 -20.05 12.52
N HIS B 8 11.79 -19.00 13.17
CA HIS B 8 10.63 -18.24 12.72
C HIS B 8 11.05 -16.82 12.40
N GLY B 9 10.65 -16.34 11.24
CA GLY B 9 11.02 -15.00 10.83
C GLY B 9 10.34 -14.63 9.54
N LEU B 10 10.72 -13.46 9.03
CA LEU B 10 10.13 -12.92 7.81
C LEU B 10 10.97 -13.38 6.62
N SER B 11 10.40 -14.24 5.78
CA SER B 11 11.08 -14.76 4.59
C SER B 11 12.36 -15.52 4.97
N GLY B 12 12.19 -16.59 5.73
CA GLY B 12 13.31 -17.28 6.31
C GLY B 12 13.85 -16.49 7.48
N SER B 13 15.09 -16.01 7.39
CA SER B 13 15.58 -14.92 8.22
C SER B 13 15.40 -15.22 9.72
N CYS B 14 16.20 -16.18 10.20
CA CYS B 14 16.12 -16.56 11.60
C CYS B 14 16.16 -15.32 12.49
N GLU B 15 15.04 -15.02 13.13
CA GLU B 15 14.93 -13.86 14.02
C GLU B 15 14.39 -14.32 15.36
N VAL B 16 13.58 -15.37 15.36
CA VAL B 16 13.11 -16.00 16.58
C VAL B 16 13.47 -17.48 16.49
N LYS B 17 14.51 -17.88 17.20
CA LYS B 17 14.90 -19.28 17.28
C LYS B 17 14.33 -19.89 18.55
N THR B 18 13.67 -21.03 18.41
CA THR B 18 13.12 -21.75 19.56
C THR B 18 13.62 -23.18 19.50
N CYS B 19 14.30 -23.63 20.55
CA CYS B 19 14.87 -24.97 20.62
C CYS B 19 14.17 -25.76 21.70
N TRP B 20 14.18 -27.09 21.53
CA TRP B 20 13.62 -27.97 22.55
C TRP B 20 14.13 -29.38 22.32
N TRP B 21 14.19 -30.15 23.41
CA TRP B 21 14.67 -31.53 23.34
C TRP B 21 13.67 -32.45 22.66
N ASP C 21 -11.73 12.48 1.62
CA ASP C 21 -12.07 13.89 1.54
C ASP C 21 -11.79 14.62 2.85
N ILE C 22 -10.99 15.67 2.76
CA ILE C 22 -10.76 16.59 3.86
C ILE C 22 -11.52 17.87 3.56
N HIS C 23 -12.16 18.45 4.58
CA HIS C 23 -13.03 19.60 4.40
C HIS C 23 -12.28 20.86 4.84
N MET C 24 -11.90 21.68 3.86
CA MET C 24 -11.14 22.91 4.11
C MET C 24 -12.11 24.07 4.23
N THR C 25 -12.36 24.52 5.46
CA THR C 25 -13.19 25.69 5.68
C THR C 25 -12.31 26.93 5.64
N GLN C 26 -12.79 27.97 4.96
CA GLN C 26 -12.01 29.18 4.78
C GLN C 26 -12.80 30.39 5.27
N SER C 27 -12.10 31.29 5.96
CA SER C 27 -12.74 32.45 6.57
C SER C 27 -11.88 33.70 6.38
N PRO C 28 -12.50 34.86 6.14
CA PRO C 28 -13.95 34.97 5.93
C PRO C 28 -14.33 34.74 4.48
N ALA C 29 -15.62 34.53 4.21
CA ALA C 29 -16.05 34.33 2.83
C ALA C 29 -15.86 35.56 1.97
N SER C 30 -15.79 36.75 2.59
CA SER C 30 -15.59 37.99 1.87
C SER C 30 -15.19 39.10 2.83
N LEU C 31 -14.12 39.83 2.52
CA LEU C 31 -13.67 40.92 3.37
C LEU C 31 -13.26 42.09 2.50
N SER C 32 -13.35 43.29 3.06
CA SER C 32 -13.00 44.51 2.37
C SER C 32 -11.91 45.25 3.13
N ALA C 33 -11.05 45.95 2.38
CA ALA C 33 -9.94 46.68 2.98
C ALA C 33 -9.43 47.71 1.99
N PHE C 34 -8.74 48.71 2.53
CA PHE C 34 -8.15 49.77 1.71
C PHE C 34 -6.78 49.34 1.20
N VAL C 35 -6.25 50.13 0.28
CA VAL C 35 -4.89 49.94 -0.19
C VAL C 35 -3.91 50.30 0.93
N GLY C 36 -2.87 49.49 1.09
CA GLY C 36 -1.93 49.69 2.16
C GLY C 36 -2.33 49.09 3.49
N GLU C 37 -3.51 48.50 3.58
CA GLU C 37 -3.99 47.92 4.83
C GLU C 37 -3.35 46.54 5.02
N THR C 38 -3.81 45.81 6.04
CA THR C 38 -3.31 44.47 6.33
C THR C 38 -4.49 43.54 6.54
N VAL C 39 -4.47 42.38 5.88
CA VAL C 39 -5.56 41.44 5.91
C VAL C 39 -5.01 40.06 6.23
N THR C 40 -5.88 39.20 6.77
CA THR C 40 -5.51 37.85 7.17
C THR C 40 -6.65 36.91 6.84
N ILE C 41 -6.33 35.80 6.17
CA ILE C 41 -7.29 34.77 5.82
C ILE C 41 -6.92 33.50 6.57
N THR C 42 -7.92 32.76 7.04
CA THR C 42 -7.69 31.52 7.76
C THR C 42 -8.31 30.36 7.01
N CYS C 43 -7.67 29.20 7.11
CA CYS C 43 -8.12 27.98 6.44
C CYS C 43 -8.05 26.83 7.45
N ARG C 44 -9.15 26.61 8.16
CA ARG C 44 -9.25 25.51 9.09
C ARG C 44 -9.47 24.20 8.34
N THR C 45 -8.93 23.13 8.88
CA THR C 45 -8.88 21.84 8.21
C THR C 45 -9.58 20.79 9.05
N SER C 46 -10.39 19.96 8.39
CA SER C 46 -11.12 18.90 9.09
C SER C 46 -10.16 17.90 9.71
N GLU C 47 -9.37 17.23 8.88
CA GLU C 47 -8.38 16.27 9.35
C GLU C 47 -7.10 17.04 9.70
N ASN C 48 -6.02 16.34 9.97
CA ASN C 48 -4.74 16.96 10.30
C ASN C 48 -3.80 16.82 9.09
N ILE C 49 -3.57 17.93 8.41
CA ILE C 49 -2.54 18.03 7.38
C ILE C 49 -1.33 18.69 8.03
N PHE C 50 -0.17 18.03 7.94
CA PHE C 50 0.96 18.40 8.77
C PHE C 50 1.42 19.83 8.48
N SER C 51 1.95 20.07 7.30
CA SER C 51 2.23 21.43 6.85
C SER C 51 1.86 21.60 5.39
N TYR C 52 1.18 20.63 4.79
CA TYR C 52 0.88 20.61 3.37
C TYR C 52 -0.36 21.47 3.14
N LEU C 53 -0.16 22.72 2.74
CA LEU C 53 -1.26 23.59 2.38
C LEU C 53 -0.73 24.68 1.46
N ALA C 54 -1.48 24.97 0.40
CA ALA C 54 -1.08 25.92 -0.61
C ALA C 54 -2.15 27.00 -0.75
N TRP C 55 -1.74 28.16 -1.26
CA TRP C 55 -2.63 29.30 -1.45
C TRP C 55 -2.56 29.74 -2.90
N TYR C 56 -3.72 29.77 -3.56
CA TYR C 56 -3.84 30.28 -4.91
C TYR C 56 -4.60 31.59 -4.91
N GLN C 57 -4.25 32.46 -5.85
CA GLN C 57 -4.93 33.73 -6.06
C GLN C 57 -5.50 33.75 -7.46
N GLN C 58 -6.80 33.95 -7.57
CA GLN C 58 -7.49 34.02 -8.85
C GLN C 58 -8.12 35.39 -9.00
N LYS C 59 -7.74 36.11 -10.05
CA LYS C 59 -8.35 37.38 -10.36
C LYS C 59 -9.62 37.18 -11.17
N GLN C 60 -10.37 38.27 -11.36
CA GLN C 60 -11.67 38.18 -12.02
C GLN C 60 -11.50 37.77 -13.48
N GLY C 61 -11.89 36.54 -13.79
CA GLY C 61 -11.88 36.07 -15.16
C GLY C 61 -10.58 35.44 -15.63
N LYS C 62 -9.74 34.98 -14.71
CA LYS C 62 -8.47 34.37 -15.06
C LYS C 62 -8.30 33.08 -14.28
N SER C 63 -7.24 32.34 -14.62
CA SER C 63 -6.95 31.09 -13.93
C SER C 63 -6.20 31.35 -12.64
N PRO C 64 -6.31 30.46 -11.66
CA PRO C 64 -5.61 30.65 -10.38
C PRO C 64 -4.10 30.69 -10.58
N GLN C 65 -3.41 31.06 -9.51
CA GLN C 65 -1.96 31.18 -9.56
C GLN C 65 -1.40 30.84 -8.19
N LEU C 66 -0.52 29.86 -8.14
CA LEU C 66 0.05 29.40 -6.88
C LEU C 66 0.91 30.50 -6.26
N LEU C 67 0.66 30.79 -4.98
CA LEU C 67 1.44 31.77 -4.23
C LEU C 67 2.29 31.12 -3.16
N VAL C 68 1.67 30.35 -2.27
CA VAL C 68 2.34 29.74 -1.13
C VAL C 68 2.16 28.23 -1.23
N TYR C 69 3.18 27.48 -0.83
CA TYR C 69 3.05 26.05 -0.63
C TYR C 69 3.82 25.66 0.62
N ASN C 70 3.54 24.47 1.14
CA ASN C 70 4.03 24.02 2.43
C ASN C 70 3.66 24.98 3.55
N ALA C 71 2.63 25.79 3.32
CA ALA C 71 1.99 26.66 4.31
C ALA C 71 2.86 27.85 4.70
N LYS C 72 4.13 27.86 4.28
CA LYS C 72 4.99 29.01 4.53
C LYS C 72 5.88 29.39 3.37
N THR C 73 6.15 28.51 2.42
CA THR C 73 7.15 28.75 1.39
C THR C 73 6.53 29.56 0.25
N LEU C 74 7.01 30.79 0.08
CA LEU C 74 6.55 31.61 -1.03
C LEU C 74 7.13 31.08 -2.33
N THR C 75 6.27 30.95 -3.35
CA THR C 75 6.75 30.47 -4.64
C THR C 75 7.57 31.56 -5.33
N SER C 76 8.35 31.14 -6.32
CA SER C 76 9.29 32.04 -6.97
C SER C 76 8.53 33.12 -7.75
N GLY C 77 8.79 34.37 -7.40
CA GLY C 77 8.21 35.50 -8.11
C GLY C 77 7.08 36.22 -7.40
N VAL C 78 6.80 35.87 -6.14
CA VAL C 78 5.71 36.47 -5.38
C VAL C 78 6.31 37.50 -4.42
N PRO C 79 5.73 38.70 -4.32
CA PRO C 79 6.27 39.70 -3.39
C PRO C 79 6.31 39.18 -1.96
N SER C 80 7.22 39.75 -1.17
CA SER C 80 7.44 39.30 0.20
C SER C 80 6.41 39.86 1.18
N ARG C 81 5.33 40.48 0.70
CA ARG C 81 4.28 40.91 1.61
C ARG C 81 3.30 39.78 1.92
N PHE C 82 3.17 38.81 1.03
CA PHE C 82 2.41 37.61 1.31
C PHE C 82 3.20 36.71 2.24
N SER C 83 2.58 36.31 3.36
CA SER C 83 3.26 35.46 4.33
C SER C 83 2.31 34.37 4.80
N GLY C 84 2.67 33.13 4.56
CA GLY C 84 1.92 32.01 5.08
C GLY C 84 2.36 31.62 6.46
N SER C 85 1.45 31.00 7.21
CA SER C 85 1.75 30.60 8.58
C SER C 85 0.79 29.51 9.00
N GLY C 86 1.18 28.80 10.05
CA GLY C 86 0.32 27.79 10.65
C GLY C 86 0.79 26.38 10.35
N SER C 87 0.20 25.45 11.07
CA SER C 87 0.48 24.02 10.93
C SER C 87 -0.56 23.25 11.73
N GLY C 88 -0.84 22.03 11.27
CA GLY C 88 -1.83 21.20 11.92
C GLY C 88 -3.19 21.28 11.28
N THR C 89 -4.12 22.00 11.91
CA THR C 89 -5.44 22.22 11.33
C THR C 89 -5.81 23.70 11.32
N GLN C 90 -4.84 24.59 11.46
CA GLN C 90 -5.09 26.03 11.51
C GLN C 90 -3.98 26.74 10.73
N PHE C 91 -4.27 27.10 9.49
CA PHE C 91 -3.35 27.81 8.63
C PHE C 91 -3.89 29.19 8.32
N SER C 92 -3.00 30.10 7.94
CA SER C 92 -3.39 31.47 7.67
C SER C 92 -2.45 32.07 6.63
N LEU C 93 -2.98 33.04 5.89
CA LEU C 93 -2.23 33.82 4.92
C LEU C 93 -2.42 35.29 5.25
N LYS C 94 -1.31 36.01 5.39
CA LYS C 94 -1.32 37.41 5.78
C LYS C 94 -0.79 38.26 4.62
N ILE C 95 -1.54 39.30 4.27
CA ILE C 95 -1.11 40.26 3.25
C ILE C 95 -1.07 41.62 3.91
N ASN C 96 0.14 42.12 4.15
CA ASN C 96 0.32 43.46 4.71
C ASN C 96 0.71 44.43 3.60
N SER C 97 0.40 45.70 3.82
CA SER C 97 0.57 46.74 2.81
C SER C 97 -0.14 46.34 1.51
N LEU C 98 -1.45 46.15 1.64
CA LEU C 98 -2.29 45.74 0.52
C LEU C 98 -2.09 46.68 -0.67
N GLN C 99 -1.90 46.08 -1.84
CA GLN C 99 -1.65 46.80 -3.08
C GLN C 99 -2.74 46.51 -4.10
N PRO C 100 -2.93 47.37 -5.09
CA PRO C 100 -4.03 47.17 -6.05
C PRO C 100 -4.00 45.83 -6.77
N GLU C 101 -2.82 45.24 -6.98
CA GLU C 101 -2.71 43.96 -7.66
C GLU C 101 -2.88 42.78 -6.72
N ASP C 102 -3.48 42.99 -5.54
CA ASP C 102 -3.66 41.95 -4.55
C ASP C 102 -5.13 41.63 -4.30
N PHE C 103 -6.04 42.15 -5.12
CA PHE C 103 -7.47 41.98 -4.91
C PHE C 103 -8.00 40.88 -5.82
N GLY C 104 -8.59 39.86 -5.22
CA GLY C 104 -9.15 38.74 -5.96
C GLY C 104 -9.70 37.69 -5.02
N SER C 105 -9.74 36.44 -5.45
CA SER C 105 -10.16 35.34 -4.61
C SER C 105 -8.95 34.52 -4.20
N TYR C 106 -8.95 34.05 -2.95
CA TYR C 106 -7.83 33.29 -2.42
C TYR C 106 -8.34 31.94 -1.96
N TYR C 107 -7.77 30.87 -2.51
CA TYR C 107 -8.20 29.51 -2.24
C TYR C 107 -7.09 28.74 -1.57
N CYS C 108 -7.39 28.14 -0.43
CA CYS C 108 -6.46 27.23 0.22
C CYS C 108 -6.72 25.81 -0.26
N GLN C 109 -5.64 25.07 -0.49
CA GLN C 109 -5.74 23.73 -1.04
C GLN C 109 -4.65 22.87 -0.42
N HIS C 110 -5.05 21.83 0.30
CA HIS C 110 -4.08 20.92 0.89
C HIS C 110 -3.48 20.03 -0.18
N HIS C 111 -2.19 19.76 -0.07
CA HIS C 111 -1.55 18.79 -0.94
C HIS C 111 -1.00 17.66 -0.08
N TYR C 112 -1.81 17.20 0.87
CA TYR C 112 -1.44 16.08 1.72
C TYR C 112 -1.54 14.76 0.98
N GLY C 113 -2.61 14.57 0.21
CA GLY C 113 -2.82 13.35 -0.54
C GLY C 113 -4.18 13.34 -1.22
N SER C 114 -4.28 12.66 -2.36
CA SER C 114 -5.52 12.67 -3.11
C SER C 114 -6.65 12.08 -2.27
N PRO C 115 -7.88 12.60 -2.40
CA PRO C 115 -8.28 13.69 -3.29
C PRO C 115 -7.99 15.07 -2.72
N TYR C 116 -7.45 15.95 -3.54
CA TYR C 116 -7.09 17.29 -3.11
C TYR C 116 -8.33 18.18 -3.08
N THR C 117 -8.56 18.85 -1.96
CA THR C 117 -9.74 19.65 -1.74
C THR C 117 -9.36 21.11 -1.56
N PHE C 118 -10.10 21.99 -2.21
CA PHE C 118 -9.87 23.42 -2.13
C PHE C 118 -10.76 24.03 -1.05
N GLY C 119 -10.43 25.26 -0.65
CA GLY C 119 -11.23 25.98 0.30
C GLY C 119 -12.41 26.67 -0.36
N GLY C 120 -13.25 27.27 0.47
CA GLY C 120 -14.41 27.96 -0.04
C GLY C 120 -14.06 29.17 -0.88
N GLY C 121 -13.03 29.90 -0.48
CA GLY C 121 -12.62 31.08 -1.21
C GLY C 121 -12.94 32.37 -0.48
N THR C 122 -11.96 33.27 -0.39
CA THR C 122 -12.12 34.56 0.26
C THR C 122 -12.09 35.65 -0.80
N LYS C 123 -13.20 36.35 -0.97
CA LYS C 123 -13.33 37.40 -1.97
C LYS C 123 -12.84 38.71 -1.36
N LEU C 124 -11.63 39.11 -1.72
CA LEU C 124 -11.05 40.36 -1.24
C LEU C 124 -11.45 41.49 -2.18
N GLU C 125 -12.11 42.51 -1.64
CA GLU C 125 -12.62 43.62 -2.43
C GLU C 125 -11.93 44.91 -2.01
N ILE C 126 -12.11 45.94 -2.84
CA ILE C 126 -11.55 47.27 -2.58
C ILE C 126 -12.57 48.05 -1.75
N LYS C 127 -12.10 48.70 -0.70
CA LYS C 127 -12.98 49.47 0.18
C LYS C 127 -13.08 50.92 -0.28
N GLU D 20 8.92 29.12 -21.64
CA GLU D 20 7.66 29.56 -21.07
C GLU D 20 6.60 28.47 -21.20
N ILE D 21 6.26 27.84 -20.08
CA ILE D 21 5.25 26.79 -20.09
C ILE D 21 3.90 27.39 -20.46
N GLN D 22 3.17 26.69 -21.33
CA GLN D 22 1.86 27.14 -21.77
C GLN D 22 0.98 25.91 -22.00
N LEU D 23 -0.16 25.89 -21.33
CA LEU D 23 -1.15 24.81 -21.46
C LEU D 23 -2.32 25.37 -22.25
N GLN D 24 -2.26 25.27 -23.57
CA GLN D 24 -3.29 25.83 -24.44
C GLN D 24 -4.50 24.90 -24.41
N GLN D 25 -5.60 25.38 -23.85
CA GLN D 25 -6.78 24.56 -23.65
C GLN D 25 -7.83 24.87 -24.72
N SER D 26 -8.74 23.93 -24.92
CA SER D 26 -9.71 24.01 -26.00
C SER D 26 -10.67 25.18 -25.78
N GLY D 27 -11.54 25.40 -26.78
CA GLY D 27 -12.50 26.47 -26.71
C GLY D 27 -13.80 26.07 -26.05
N ALA D 28 -14.64 27.07 -25.80
CA ALA D 28 -15.90 26.84 -25.10
C ALA D 28 -16.80 25.90 -25.90
N GLU D 29 -17.49 25.01 -25.19
CA GLU D 29 -18.39 24.05 -25.81
C GLU D 29 -19.79 24.23 -25.25
N LEU D 30 -20.78 23.95 -26.10
CA LEU D 30 -22.19 23.97 -25.71
C LEU D 30 -22.79 22.62 -26.07
N VAL D 31 -23.24 21.89 -25.05
CA VAL D 31 -23.64 20.50 -25.19
C VAL D 31 -25.07 20.33 -24.69
N LYS D 32 -25.86 19.54 -25.40
CA LYS D 32 -27.19 19.20 -24.95
C LYS D 32 -27.12 18.18 -23.81
N PRO D 33 -28.07 18.19 -22.89
CA PRO D 33 -28.04 17.26 -21.77
C PRO D 33 -28.02 15.81 -22.21
N GLY D 34 -27.38 14.97 -21.41
CA GLY D 34 -27.27 13.57 -21.71
C GLY D 34 -26.21 13.19 -22.71
N ALA D 35 -25.54 14.17 -23.32
CA ALA D 35 -24.51 13.91 -24.30
C ALA D 35 -23.13 13.87 -23.62
N SER D 36 -22.07 13.87 -24.40
CA SER D 36 -20.71 13.82 -23.88
C SER D 36 -19.85 14.86 -24.59
N VAL D 37 -18.87 15.39 -23.86
CA VAL D 37 -17.97 16.42 -24.38
C VAL D 37 -16.54 15.97 -24.13
N LYS D 38 -15.62 16.52 -24.94
CA LYS D 38 -14.21 16.15 -24.87
C LYS D 38 -13.36 17.41 -24.96
N MET D 39 -12.77 17.80 -23.84
CA MET D 39 -11.84 18.92 -23.78
C MET D 39 -10.43 18.42 -24.03
N SER D 40 -9.59 19.31 -24.57
CA SER D 40 -8.19 19.02 -24.81
C SER D 40 -7.33 20.13 -24.21
N CYS D 41 -6.13 19.74 -23.79
CA CYS D 41 -5.16 20.66 -23.18
C CYS D 41 -3.80 20.32 -23.80
N LYS D 42 -3.41 21.10 -24.81
CA LYS D 42 -2.12 20.88 -25.46
C LYS D 42 -1.01 21.54 -24.66
N VAL D 43 0.00 20.76 -24.33
CA VAL D 43 1.12 21.20 -23.51
C VAL D 43 2.21 21.76 -24.41
N SER D 44 2.88 22.83 -23.96
CA SER D 44 4.02 23.36 -24.68
C SER D 44 5.00 23.94 -23.68
N GLY D 45 6.28 23.65 -23.85
CA GLY D 45 7.34 24.27 -23.06
C GLY D 45 8.07 23.34 -22.12
N TYR D 46 7.64 22.09 -21.99
CA TYR D 46 8.34 21.13 -21.14
C TYR D 46 8.05 19.72 -21.65
N SER D 47 8.68 18.74 -21.01
CA SER D 47 8.50 17.34 -21.39
C SER D 47 7.14 16.86 -20.93
N PHE D 48 6.28 16.52 -21.89
CA PHE D 48 4.89 16.21 -21.58
C PHE D 48 4.76 15.06 -20.59
N THR D 49 5.65 14.07 -20.71
CA THR D 49 5.59 12.88 -19.86
C THR D 49 6.40 13.04 -18.58
N GLY D 50 6.62 14.27 -18.13
CA GLY D 50 7.45 14.49 -16.96
C GLY D 50 6.69 14.82 -15.70
N TYR D 51 5.44 15.24 -15.83
CA TYR D 51 4.67 15.69 -14.69
C TYR D 51 3.21 15.30 -14.86
N ASN D 52 2.54 15.04 -13.74
CA ASN D 52 1.11 14.76 -13.75
C ASN D 52 0.35 15.93 -14.34
N MET D 53 -0.87 15.66 -14.80
CA MET D 53 -1.74 16.66 -15.41
C MET D 53 -3.09 16.60 -14.71
N ASN D 54 -3.24 17.37 -13.64
CA ASN D 54 -4.49 17.40 -12.91
C ASN D 54 -5.55 18.15 -13.71
N TRP D 55 -6.81 17.81 -13.44
CA TRP D 55 -7.95 18.50 -14.03
C TRP D 55 -8.78 19.08 -12.90
N VAL D 56 -9.22 20.33 -13.08
CA VAL D 56 -9.96 21.04 -12.03
C VAL D 56 -11.23 21.62 -12.66
N LYS D 57 -12.28 21.72 -11.85
CA LYS D 57 -13.56 22.27 -12.28
C LYS D 57 -13.99 23.37 -11.34
N GLN D 58 -14.50 24.46 -11.90
CA GLN D 58 -14.94 25.61 -11.11
C GLN D 58 -16.27 26.10 -11.65
N SER D 59 -17.31 26.07 -10.81
CA SER D 59 -18.59 26.61 -11.20
C SER D 59 -18.51 28.13 -11.31
N HIS D 60 -19.63 28.77 -11.62
CA HIS D 60 -19.63 30.23 -11.79
C HIS D 60 -19.49 30.90 -10.43
N GLY D 61 -18.32 31.45 -10.16
CA GLY D 61 -18.08 32.16 -8.92
C GLY D 61 -18.07 31.29 -7.69
N LYS D 62 -17.75 30.01 -7.83
CA LYS D 62 -17.68 29.08 -6.72
C LYS D 62 -16.26 28.55 -6.58
N SER D 63 -16.09 27.62 -5.64
CA SER D 63 -14.77 27.08 -5.36
C SER D 63 -14.35 26.09 -6.44
N LEU D 64 -13.10 25.65 -6.35
CA LEU D 64 -12.53 24.69 -7.28
C LEU D 64 -12.72 23.28 -6.75
N GLU D 65 -12.69 22.32 -7.67
CA GLU D 65 -12.84 20.90 -7.33
C GLU D 65 -11.90 20.09 -8.20
N TRP D 66 -11.11 19.23 -7.57
CA TRP D 66 -10.10 18.44 -8.25
C TRP D 66 -10.74 17.17 -8.81
N ILE D 67 -10.89 17.12 -10.13
CA ILE D 67 -11.51 15.97 -10.79
C ILE D 67 -10.57 14.77 -10.73
N GLY D 68 -9.30 14.97 -11.04
CA GLY D 68 -8.34 13.89 -11.02
C GLY D 68 -7.10 14.29 -11.78
N ASN D 69 -6.17 13.35 -11.85
CA ASN D 69 -4.96 13.56 -12.64
C ASN D 69 -4.64 12.32 -13.44
N ILE D 70 -3.75 12.48 -14.42
CA ILE D 70 -3.27 11.39 -15.25
C ILE D 70 -1.77 11.51 -15.34
N ASN D 71 -1.07 10.39 -15.14
CA ASN D 71 0.38 10.36 -15.27
C ASN D 71 0.72 10.09 -16.72
N PRO D 72 1.34 11.02 -17.44
CA PRO D 72 1.60 10.78 -18.86
C PRO D 72 2.70 9.77 -19.14
N TYR D 73 3.55 9.45 -18.16
CA TYR D 73 4.62 8.49 -18.42
C TYR D 73 4.06 7.08 -18.55
N TYR D 74 3.47 6.56 -17.49
CA TYR D 74 2.56 5.42 -17.57
C TYR D 74 1.16 5.91 -17.26
N VAL D 75 0.20 5.50 -18.07
CA VAL D 75 -1.01 6.27 -18.30
C VAL D 75 -1.99 6.02 -17.15
N SER D 76 -1.51 5.40 -16.08
CA SER D 76 -2.30 5.23 -14.86
C SER D 76 -2.89 6.57 -14.43
N THR D 77 -4.18 6.57 -14.13
CA THR D 77 -4.92 7.75 -13.74
C THR D 77 -5.29 7.67 -12.27
N ASN D 78 -5.79 8.80 -11.74
CA ASN D 78 -6.18 8.89 -10.34
C ASN D 78 -7.38 9.83 -10.29
N TYR D 79 -8.56 9.27 -10.02
CA TYR D 79 -9.81 10.01 -10.09
C TYR D 79 -10.29 10.41 -8.71
N ASN D 80 -11.07 11.48 -8.67
CA ASN D 80 -11.86 11.82 -7.49
C ASN D 80 -13.13 11.00 -7.51
N GLN D 81 -13.39 10.25 -6.44
CA GLN D 81 -14.53 9.33 -6.43
C GLN D 81 -15.86 10.04 -6.58
N LYS D 82 -15.90 11.37 -6.42
CA LYS D 82 -17.09 12.12 -6.78
C LYS D 82 -17.24 12.29 -8.28
N PHE D 83 -16.15 12.15 -9.03
CA PHE D 83 -16.15 12.32 -10.48
C PHE D 83 -15.83 11.05 -11.24
N THR D 84 -15.85 9.90 -10.57
CA THR D 84 -15.56 8.65 -11.25
C THR D 84 -16.75 8.23 -12.11
N GLY D 85 -16.46 7.59 -13.23
CA GLY D 85 -17.48 7.24 -14.20
C GLY D 85 -17.98 8.38 -15.04
N LYS D 86 -17.79 9.62 -14.60
CA LYS D 86 -18.23 10.81 -15.33
C LYS D 86 -17.13 11.43 -16.17
N ALA D 87 -15.91 11.49 -15.66
CA ALA D 87 -14.77 12.05 -16.38
C ALA D 87 -13.75 10.95 -16.64
N THR D 88 -13.26 10.89 -17.87
CA THR D 88 -12.23 9.93 -18.26
C THR D 88 -11.07 10.69 -18.88
N PHE D 89 -9.86 10.42 -18.40
CA PHE D 89 -8.67 11.08 -18.88
C PHE D 89 -7.94 10.21 -19.89
N THR D 90 -7.45 10.84 -20.96
CA THR D 90 -6.60 10.18 -21.94
C THR D 90 -5.47 11.13 -22.30
N VAL D 91 -4.42 10.60 -22.92
CA VAL D 91 -3.29 11.39 -23.36
C VAL D 91 -2.91 10.99 -24.78
N ASP D 92 -2.26 11.93 -25.48
CA ASP D 92 -1.66 11.67 -26.79
C ASP D 92 -0.26 12.26 -26.73
N ARG D 93 0.74 11.38 -26.60
CA ARG D 93 2.12 11.80 -26.42
C ARG D 93 2.74 12.34 -27.69
N SER D 94 2.23 11.94 -28.86
CA SER D 94 2.78 12.45 -30.12
C SER D 94 2.42 13.92 -30.33
N SER D 95 1.25 14.33 -29.85
CA SER D 95 0.82 15.72 -29.92
C SER D 95 0.99 16.46 -28.61
N SER D 96 1.45 15.77 -27.54
CA SER D 96 1.60 16.36 -26.22
C SER D 96 0.29 16.97 -25.74
N THR D 97 -0.79 16.21 -25.88
CA THR D 97 -2.13 16.70 -25.56
C THR D 97 -2.75 15.81 -24.49
N ALA D 98 -3.52 16.42 -23.60
CA ALA D 98 -4.24 15.69 -22.56
C ALA D 98 -5.73 15.94 -22.74
N TYR D 99 -6.50 14.88 -22.95
CA TYR D 99 -7.93 14.98 -23.18
C TYR D 99 -8.70 14.54 -21.94
N MET D 100 -9.82 15.21 -21.69
CA MET D 100 -10.79 14.76 -20.70
C MET D 100 -12.16 14.64 -21.36
N GLN D 101 -12.84 13.54 -21.08
CA GLN D 101 -14.16 13.28 -21.65
C GLN D 101 -15.18 13.22 -20.52
N LEU D 102 -16.17 14.11 -20.59
CA LEU D 102 -17.29 14.11 -19.66
C LEU D 102 -18.48 13.41 -20.31
N ASP D 103 -19.08 12.47 -19.58
CA ASP D 103 -20.14 11.63 -20.10
C ASP D 103 -21.46 11.97 -19.41
N SER D 104 -22.55 11.89 -20.17
CA SER D 104 -23.91 12.12 -19.67
C SER D 104 -24.01 13.46 -18.95
N LEU D 105 -23.78 14.53 -19.71
CA LEU D 105 -23.76 15.87 -19.14
C LEU D 105 -25.16 16.28 -18.70
N THR D 106 -25.23 16.90 -17.53
CA THR D 106 -26.46 17.47 -16.99
C THR D 106 -26.29 18.97 -16.80
N SER D 107 -27.29 19.61 -16.22
CA SER D 107 -27.23 21.04 -15.99
C SER D 107 -26.21 21.41 -14.92
N GLU D 108 -25.84 20.48 -14.05
CA GLU D 108 -24.88 20.74 -12.99
C GLU D 108 -23.43 20.67 -13.49
N ASP D 109 -23.20 20.20 -14.71
CA ASP D 109 -21.86 20.08 -15.25
C ASP D 109 -21.41 21.31 -16.02
N SER D 110 -22.18 22.39 -15.98
CA SER D 110 -21.82 23.62 -16.69
C SER D 110 -20.88 24.43 -15.82
N ALA D 111 -19.58 24.32 -16.09
CA ALA D 111 -18.56 25.01 -15.31
C ALA D 111 -17.34 25.24 -16.20
N VAL D 112 -16.31 25.83 -15.61
CA VAL D 112 -15.05 26.08 -16.29
C VAL D 112 -14.06 25.00 -15.88
N TYR D 113 -13.46 24.34 -16.86
CA TYR D 113 -12.57 23.21 -16.60
C TYR D 113 -11.15 23.59 -16.97
N TYR D 114 -10.26 23.56 -15.97
CA TYR D 114 -8.86 23.87 -16.15
C TYR D 114 -8.03 22.60 -16.16
N CYS D 115 -6.89 22.66 -16.86
CA CYS D 115 -5.83 21.67 -16.74
C CYS D 115 -4.66 22.32 -16.02
N ALA D 116 -4.06 21.59 -15.09
CA ALA D 116 -3.04 22.15 -14.22
C ALA D 116 -1.90 21.15 -14.06
N ARG D 117 -0.69 21.58 -14.37
CA ARG D 117 0.49 20.74 -14.18
C ARG D 117 0.90 20.76 -12.71
N SER D 118 1.30 19.60 -12.21
CA SER D 118 1.82 19.52 -10.86
C SER D 118 3.20 20.17 -10.78
N TYR D 119 3.54 20.65 -9.59
CA TYR D 119 4.81 21.34 -9.38
C TYR D 119 6.01 20.40 -9.38
N GLY D 120 5.79 19.10 -9.50
CA GLY D 120 6.90 18.16 -9.42
C GLY D 120 7.06 17.59 -8.03
N SER D 121 7.96 18.19 -7.24
CA SER D 121 8.19 17.74 -5.87
C SER D 121 6.88 17.59 -5.11
N SER D 122 6.14 18.68 -4.95
CA SER D 122 4.81 18.63 -4.37
C SER D 122 3.77 18.50 -5.47
N HIS D 123 2.53 18.25 -5.07
CA HIS D 123 1.41 18.14 -6.01
C HIS D 123 0.56 19.39 -5.99
N THR D 124 1.19 20.55 -5.83
CA THR D 124 0.51 21.82 -6.02
C THR D 124 0.50 22.17 -7.50
N PHE D 125 -0.55 22.87 -7.92
CA PHE D 125 -0.81 23.09 -9.34
C PHE D 125 -0.11 24.39 -9.75
N ALA D 126 1.04 24.25 -10.41
CA ALA D 126 1.89 25.39 -10.68
C ALA D 126 1.46 26.15 -11.92
N TYR D 127 1.17 25.44 -13.00
CA TYR D 127 0.83 26.05 -14.29
C TYR D 127 -0.55 25.60 -14.71
N TRP D 128 -1.46 26.56 -14.87
CA TRP D 128 -2.85 26.30 -15.21
C TRP D 128 -3.10 26.64 -16.68
N GLY D 129 -4.15 26.04 -17.23
CA GLY D 129 -4.64 26.42 -18.54
C GLY D 129 -5.43 27.70 -18.47
N GLN D 130 -6.15 27.98 -19.55
CA GLN D 130 -7.01 29.15 -19.59
C GLN D 130 -8.47 28.82 -19.36
N GLY D 131 -8.83 27.54 -19.31
CA GLY D 131 -10.18 27.14 -18.98
C GLY D 131 -11.08 26.92 -20.18
N THR D 132 -11.85 25.84 -20.16
CA THR D 132 -12.84 25.53 -21.19
C THR D 132 -14.23 25.68 -20.58
N LEU D 133 -14.99 26.65 -21.08
CA LEU D 133 -16.33 26.90 -20.56
C LEU D 133 -17.30 25.92 -21.20
N VAL D 134 -17.78 24.97 -20.42
CA VAL D 134 -18.76 24.00 -20.86
C VAL D 134 -20.14 24.47 -20.44
N THR D 135 -21.06 24.59 -21.38
CA THR D 135 -22.41 25.06 -21.12
C THR D 135 -23.40 23.99 -21.56
N VAL D 136 -24.23 23.54 -20.63
CA VAL D 136 -25.24 22.51 -20.90
C VAL D 136 -26.61 23.18 -20.83
N SER D 137 -27.28 23.25 -21.98
CA SER D 137 -28.59 23.88 -22.06
C SER D 137 -29.31 23.33 -23.29
N SER D 138 -30.42 23.99 -23.65
CA SER D 138 -31.21 23.58 -24.80
C SER D 138 -30.49 23.88 -26.12
C10 O50 E . 3.05 -22.38 0.24
C12 O50 E . 0.90 -21.63 0.53
C13 O50 E . 1.29 -20.33 0.28
C14 O50 E . 4.02 -23.55 0.23
C15 O50 E . 3.40 -14.39 -1.07
C16 O50 E . 2.85 -13.96 -2.42
C19 O50 E . 0.99 -12.74 -3.69
C21 O50 E . 1.03 -12.48 -5.96
C22 O50 E . -0.20 -11.85 -5.95
C23 O50 E . -0.87 -11.66 -4.76
C24 O50 E . -0.24 -12.11 -3.61
C25 O50 E . -0.83 -11.37 -7.25
C27 O50 E . -1.18 -11.60 -9.48
C28 O50 E . -1.97 -10.47 -9.47
N29 O50 E . -2.18 -9.82 -8.35
C01 O50 E . 5.47 -18.66 0.40
C02 O50 E . 4.21 -17.95 -0.08
C03 O50 E . 4.35 -16.60 -0.34
C04 O50 E . 3.25 -15.88 -0.79
C05 O50 E . 2.06 -16.52 -0.96
C07 O50 E . 2.97 -18.56 -0.28
C08 O50 E . 2.61 -20.04 -0.02
C09 O50 E . 3.51 -21.10 -0.03
C30 O50 E . -1.63 -10.24 -7.23
N06 O50 E . 1.95 -17.81 -0.69
N11 O50 E . 1.78 -22.60 0.51
N18 O50 E . 1.61 -13.19 -2.46
N20 O50 E . 1.59 -12.90 -4.85
N26 O50 E . -0.62 -12.03 -8.36
O17 O50 E . 3.43 -14.25 -3.41
C1 CLR F . 13.34 -36.02 -12.07
C2 CLR F . 14.74 -36.57 -12.23
C3 CLR F . 14.72 -38.06 -12.58
C4 CLR F . 13.99 -38.27 -13.90
C5 CLR F . 12.64 -37.60 -13.82
C6 CLR F . 11.52 -38.28 -14.13
C7 CLR F . 10.35 -37.60 -14.81
C8 CLR F . 10.30 -36.12 -14.44
C9 CLR F . 11.08 -35.82 -13.17
C10 CLR F . 12.55 -36.16 -13.37
C11 CLR F . 10.92 -34.38 -12.68
C12 CLR F . 9.48 -33.86 -12.70
C13 CLR F . 8.89 -34.15 -14.07
C14 CLR F . 8.87 -35.65 -14.24
C15 CLR F . 7.88 -35.92 -15.36
C16 CLR F . 6.87 -34.76 -15.25
C17 CLR F . 7.45 -33.72 -14.30
C18 CLR F . 9.79 -33.53 -15.14
C19 CLR F . 13.16 -35.28 -14.46
C20 CLR F . 7.37 -32.32 -14.88
C21 CLR F . 7.42 -31.27 -13.77
C22 CLR F . 6.12 -32.16 -15.73
C23 CLR F . 5.27 -30.98 -15.29
C24 CLR F . 3.80 -31.19 -15.62
C25 CLR F . 3.63 -31.61 -17.07
C26 CLR F . 2.16 -31.88 -17.39
C27 CLR F . 4.21 -30.56 -18.02
O1 CLR F . 16.07 -38.53 -12.70
C1 CLR G . -3.51 -39.61 26.17
C2 CLR G . -2.52 -40.68 26.61
C3 CLR G . -3.17 -42.06 26.62
C4 CLR G . -3.65 -42.41 25.21
C5 CLR G . -4.52 -41.29 24.69
C6 CLR G . -5.73 -41.54 24.19
C7 CLR G . -6.31 -40.75 23.05
C8 CLR G . -5.72 -39.33 23.03
C9 CLR G . -5.16 -38.94 24.40
C10 CLR G . -4.01 -39.87 24.76
C11 CLR G . -4.71 -37.47 24.47
C12 CLR G . -5.71 -36.48 23.86
C13 CLR G . -6.06 -36.98 22.48
C14 CLR G . -6.76 -38.30 22.64
C15 CLR G . -7.51 -38.51 21.33
C16 CLR G . -7.84 -37.11 20.84
C17 CLR G . -7.05 -36.13 21.69
C18 CLR G . -4.79 -37.16 21.67
C19 CLR G . -2.87 -39.72 23.76
C20 CLR G . -6.34 -35.08 20.83
C21 CLR G . -5.49 -34.15 21.71
C22 CLR G . -7.34 -34.29 20.01
C23 CLR G . -7.35 -34.78 18.56
C24 CLR G . -8.57 -34.26 17.82
C25 CLR G . -8.82 -35.08 16.55
C26 CLR G . -9.09 -36.54 16.89
C27 CLR G . -9.97 -34.49 15.74
O1 CLR G . -2.20 -43.03 27.04
C01 AJP H . 12.15 -6.48 -6.70
C02 AJP H . 10.99 -5.02 -7.25
C03 AJP H . 11.39 -4.60 -8.22
C04 AJP H . 10.37 -3.87 -9.11
C05 AJP H . 9.19 -4.20 -8.95
C06 AJP H . 8.08 -3.19 -9.43
C07 AJP H . 8.08 -3.07 -10.83
C08 AJP H . 8.92 -4.85 -11.08
O09 AJP H . 8.88 -5.39 -10.25
C10 AJP H . 8.22 -5.12 -12.16
C11 AJP H . 7.82 -3.59 -12.87
C12 AJP H . 8.58 -2.44 -11.73
C13 AJP H . 8.47 -1.04 -12.03
C14 AJP H . 8.52 -0.63 -13.52
C15 AJP H . 7.54 -1.58 -14.40
C16 AJP H . 7.94 -3.28 -14.27
C17 AJP H . 7.11 -4.14 -15.12
C18 AJP H . 6.88 -3.60 -16.63
C19 AJP H . 6.45 -2.02 -16.60
C20 AJP H . 7.60 -1.27 -15.83
C21 AJP H . 7.68 0.25 -16.14
C22 AJP H . 6.24 0.77 -16.26
C23 AJP H . 5.53 0.17 -17.51
C24 AJP H . 6.10 -1.29 -17.89
O25 AJP H . 5.74 1.07 -18.52
C26 AJP H . 4.66 1.22 -19.39
C27 AJP H . 4.67 2.65 -19.90
C28 AJP H . 3.68 2.77 -20.98
C29 AJP H . 2.35 2.53 -20.45
C30 AJP H . 2.26 1.17 -19.75
O31 AJP H . 3.36 0.94 -18.78
C32 AJP H . 0.96 1.10 -19.02
O33 AJP H . -0.11 1.13 -19.93
O34 AJP H . 1.36 2.62 -21.54
C35 AJP H . 1.81 2.02 -22.70
C36 AJP H . 2.46 3.06 -23.62
C37 AJP H . 1.65 3.30 -24.83
C38 AJP H . 0.22 3.41 -24.47
C39 AJP H . -0.34 2.09 -23.97
O40 AJP H . 0.68 1.28 -23.31
C41 AJP H . -1.47 2.38 -23.01
O42 AJP H . -2.45 3.19 -23.64
O43 AJP H . -0.52 3.79 -25.64
O44 AJP H . 2.06 4.56 -25.49
O54 AJP H . 3.81 2.59 -23.97
C55 AJP H . 4.24 3.00 -25.21
C56 AJP H . 4.51 1.78 -26.11
C57 AJP H . 5.07 2.15 -27.44
C58 AJP H . 6.13 3.17 -27.39
C59 AJP H . 5.80 4.32 -26.42
O60 AJP H . 5.46 3.80 -25.07
C61 AJP H . 6.92 5.28 -26.32
O62 AJP H . 6.44 6.57 -26.60
O63 AJP H . 6.31 3.72 -28.71
O64 AJP H . 5.62 0.92 -28.08
O76 AJP H . 3.27 1.11 -26.32
O77 AJP H . 3.73 4.14 -21.49
O78 AJP H . 5.96 3.02 -20.39
O79 AJP H . 5.62 0.32 -15.13
C80 AJP H . 8.91 -1.87 -16.37
C81 AJP H . 10.06 -2.73 -12.09
O82 AJP H . 9.02 -5.87 -13.03
C83 AJP H . 7.85 -1.87 -8.62
O84 AJP H . 8.83 -4.63 -8.03
C85 AJP H . 9.84 -5.42 -7.15
C1 OLA I . -2.51 -18.88 -21.68
O1 OLA I . -3.66 -19.37 -21.67
O2 OLA I . -2.30 -17.75 -22.21
C2 OLA I . -1.34 -19.64 -21.06
C3 OLA I . -1.78 -20.48 -19.86
C4 OLA I . -0.78 -21.58 -19.53
C5 OLA I . -1.37 -22.66 -18.64
C6 OLA I . -0.46 -23.88 -18.56
C7 OLA I . -0.89 -24.87 -17.48
C8 OLA I . 0.12 -26.01 -17.34
C9 OLA I . -0.06 -26.70 -15.99
C10 OLA I . 1.00 -26.97 -15.25
C11 OLA I . 2.40 -26.57 -15.73
C12 OLA I . 3.43 -27.00 -14.69
C13 OLA I . 4.26 -25.83 -14.18
C14 OLA I . 5.73 -26.22 -14.01
C15 OLA I . 6.39 -25.54 -12.82
C16 OLA I . 7.65 -26.29 -12.39
C17 OLA I . 8.37 -25.66 -11.21
C18 OLA I . 9.47 -26.57 -10.67
ZN ZN J . -22.37 -15.16 -8.34
#